data_3ZH2
#
_entry.id   3ZH2
#
_cell.length_a   79.461
_cell.length_b   159.489
_cell.length_c   88.660
_cell.angle_alpha   90.00
_cell.angle_beta   102.18
_cell.angle_gamma   90.00
#
_symmetry.space_group_name_H-M   'P 1 21 1'
#
loop_
_entity.id
_entity.type
_entity.pdbx_description
1 polymer 'L-LACTATE DEHYDROGENASE'
2 polymer 'DNA APTAMER'
3 water water
#
loop_
_entity_poly.entity_id
_entity_poly.type
_entity_poly.pdbx_seq_one_letter_code
_entity_poly.pdbx_strand_id
1 'polypeptide(L)'
;MAPKAKIVLVGSGMIGGVMATLIVQKNLGDVVLFDIVKNMPHGKALDTSHTNVMAYSNCKVSGSNTYDDLAGADVVIVTA
GFTKAPGKSDKEWNRDDLLPLNNKIMIEIGGHIKKNCPNAFIIVVTNPVDVMVQLLHQHSGVPKNKIIGLGGVLDTSRLK
YYISQKLNVCPRDVNAHIVGAHGNKMVLLKRYITVGGIPLQEFINNKLISDAELEAIFDRTVNTALEIVNLHASPYVAPA
AAIIEMAESYLKDLKKVLICSTLLEGQYGHSDIFGGTPVVLGANGVEQVIELQLNSEEKAKFDEAIAETKRMKALA
;
A,B,C,D
2 'polydeoxyribonucleotide'
;(DC)(DT)(DG)(DG)(DG)(DC)(DG)(DG)(DT)(DA)(DG)(DA)(DA)(DC)(DC)(DA)(DT)(DA)(DG)(DT)
(DG)(DA)(DC)(DC)(DC)(DA)(DG)(DC)(DC)(DG)(DT)(DC)(DT)(DA)(DC)
;
E,G
#
loop_
_chem_comp.id
_chem_comp.type
_chem_comp.name
_chem_comp.formula
DA DNA linking 2'-DEOXYADENOSINE-5'-MONOPHOSPHATE 'C10 H14 N5 O6 P'
DC DNA linking 2'-DEOXYCYTIDINE-5'-MONOPHOSPHATE 'C9 H14 N3 O7 P'
DG DNA linking 2'-DEOXYGUANOSINE-5'-MONOPHOSPHATE 'C10 H14 N5 O7 P'
DT DNA linking THYMIDINE-5'-MONOPHOSPHATE 'C10 H15 N2 O8 P'
#
# COMPACT_ATOMS: atom_id res chain seq x y z
N PRO A 3 1.88 -19.47 11.51
CA PRO A 3 1.92 -18.29 12.39
C PRO A 3 2.72 -17.15 11.76
N LYS A 4 2.34 -15.92 12.12
CA LYS A 4 3.02 -14.67 11.73
C LYS A 4 4.54 -14.67 11.98
N ALA A 5 5.34 -14.05 11.12
CA ALA A 5 6.78 -13.73 11.40
C ALA A 5 7.00 -13.05 12.78
N LYS A 6 8.07 -13.43 13.50
CA LYS A 6 8.52 -12.75 14.69
C LYS A 6 9.87 -12.14 14.37
N ILE A 7 9.96 -10.83 14.46
CA ILE A 7 11.15 -10.16 14.12
C ILE A 7 11.74 -9.63 15.42
N VAL A 8 12.96 -10.03 15.76
CA VAL A 8 13.66 -9.40 16.90
C VAL A 8 14.64 -8.27 16.58
N LEU A 9 14.42 -7.14 17.21
CA LEU A 9 15.38 -6.05 17.07
C LEU A 9 16.40 -5.98 18.22
N VAL A 10 17.63 -6.47 17.98
CA VAL A 10 18.67 -6.44 19.04
C VAL A 10 19.33 -5.06 19.02
N GLY A 11 18.87 -4.17 19.92
CA GLY A 11 19.34 -2.77 19.93
C GLY A 11 18.07 -1.95 19.68
N SER A 12 17.56 -1.28 20.72
CA SER A 12 16.34 -0.49 20.58
C SER A 12 16.69 1.05 20.57
N GLY A 13 17.75 1.43 19.91
CA GLY A 13 18.08 2.90 19.80
C GLY A 13 17.33 3.42 18.58
N MET A 14 17.76 4.53 18.01
CA MET A 14 16.98 5.26 17.02
C MET A 14 16.63 4.45 15.77
N ILE A 15 17.60 3.76 15.20
CA ILE A 15 17.34 2.92 14.04
C ILE A 15 16.33 1.89 14.43
N GLY A 16 16.49 1.36 15.64
CA GLY A 16 15.60 0.27 16.10
C GLY A 16 14.18 0.81 16.18
N GLY A 17 14.03 2.05 16.63
CA GLY A 17 12.70 2.58 16.81
C GLY A 17 12.04 2.73 15.43
N VAL A 18 12.82 2.96 14.37
CA VAL A 18 12.22 3.38 13.10
C VAL A 18 11.84 2.11 12.41
N MET A 19 12.67 1.11 12.60
CA MET A 19 12.28 -0.28 12.21
C MET A 19 10.96 -0.80 12.70
N ALA A 20 10.74 -0.69 14.00
CA ALA A 20 9.48 -1.07 14.63
C ALA A 20 8.36 -0.41 13.97
N THR A 21 8.41 0.92 13.90
CA THR A 21 7.44 1.65 13.17
C THR A 21 7.05 1.19 11.75
N LEU A 22 8.06 0.85 10.92
CA LEU A 22 7.90 0.52 9.53
C LEU A 22 7.38 -0.92 9.45
N ILE A 23 7.83 -1.80 10.38
CA ILE A 23 7.29 -3.16 10.46
C ILE A 23 5.76 -3.17 10.70
N VAL A 24 5.29 -2.33 11.63
CA VAL A 24 3.86 -2.18 11.88
C VAL A 24 3.20 -1.44 10.72
N GLN A 25 3.76 -0.31 10.22
CA GLN A 25 3.16 0.20 8.95
C GLN A 25 2.97 -0.94 7.86
N LYS A 26 3.92 -1.82 7.69
CA LYS A 26 3.85 -2.72 6.57
C LYS A 26 3.21 -4.04 7.00
N ASN A 27 2.76 -4.10 8.24
CA ASN A 27 2.21 -5.32 8.83
C ASN A 27 3.13 -6.48 8.69
N LEU A 28 4.44 -6.32 8.95
CA LEU A 28 5.39 -7.36 8.54
C LEU A 28 5.58 -8.58 9.51
N GLY A 29 5.24 -8.41 10.79
CA GLY A 29 5.36 -9.41 11.80
C GLY A 29 5.32 -8.87 13.23
N ASP A 30 5.30 -9.78 14.19
CA ASP A 30 5.46 -9.36 15.55
C ASP A 30 6.89 -8.87 15.76
N VAL A 31 7.08 -8.04 16.77
CA VAL A 31 8.33 -7.29 16.95
C VAL A 31 8.72 -7.22 18.40
N VAL A 32 9.99 -7.41 18.68
CA VAL A 32 10.51 -7.34 20.00
C VAL A 32 11.57 -6.35 19.90
N LEU A 33 11.50 -5.36 20.75
CA LEU A 33 12.53 -4.39 20.80
C LEU A 33 13.38 -4.81 21.93
N PHE A 34 14.60 -5.20 21.60
CA PHE A 34 15.48 -5.66 22.67
C PHE A 34 16.61 -4.68 22.95
N ASP A 35 16.90 -4.52 24.22
CA ASP A 35 18.06 -3.79 24.63
C ASP A 35 18.46 -4.19 26.03
N ILE A 36 19.75 -4.08 26.33
CA ILE A 36 20.17 -4.20 27.76
C ILE A 36 19.75 -3.05 28.63
N VAL A 37 19.50 -1.86 28.03
CA VAL A 37 19.15 -0.67 28.79
C VAL A 37 17.74 -0.95 29.23
N LYS A 38 17.45 -0.76 30.50
CA LYS A 38 16.22 -1.26 31.09
C LYS A 38 15.06 -0.27 30.87
N ASN A 39 13.85 -0.79 30.77
CA ASN A 39 12.61 0.04 30.66
C ASN A 39 12.36 0.71 29.30
N MET A 40 13.38 1.38 28.81
CA MET A 40 13.37 2.06 27.53
C MET A 40 12.78 1.25 26.34
N PRO A 41 13.16 -0.04 26.12
CA PRO A 41 12.49 -0.73 25.00
C PRO A 41 11.00 -0.91 25.24
N HIS A 42 10.61 -1.10 26.50
CA HIS A 42 9.20 -1.12 26.86
C HIS A 42 8.46 0.16 26.54
N GLY A 43 9.02 1.34 26.83
CA GLY A 43 8.39 2.61 26.49
C GLY A 43 8.15 2.83 25.01
N LYS A 44 9.21 2.61 24.21
CA LYS A 44 9.07 2.49 22.77
C LYS A 44 8.13 1.39 22.26
N ALA A 45 8.15 0.19 22.77
CA ALA A 45 7.25 -0.83 22.22
C ALA A 45 5.75 -0.40 22.41
N LEU A 46 5.40 -0.02 23.63
CA LEU A 46 4.05 0.45 23.92
C LEU A 46 3.59 1.63 23.02
N ASP A 47 4.38 2.68 22.95
CA ASP A 47 4.07 3.76 22.08
C ASP A 47 3.83 3.27 20.64
N THR A 48 4.80 2.52 20.12
CA THR A 48 4.71 2.10 18.79
C THR A 48 3.51 1.09 18.54
N SER A 49 3.22 0.24 19.51
CA SER A 49 2.06 -0.71 19.38
C SER A 49 0.70 -0.07 19.04
N HIS A 50 0.55 1.24 19.37
CA HIS A 50 -0.79 1.86 19.26
C HIS A 50 -0.99 2.21 17.84
N THR A 51 0.11 2.28 17.07
CA THR A 51 0.03 2.61 15.64
C THR A 51 -0.63 1.53 14.87
N ASN A 52 -0.70 0.32 15.43
CA ASN A 52 -1.56 -0.66 14.77
C ASN A 52 -2.93 -0.19 14.35
N VAL A 53 -3.51 0.76 15.11
CA VAL A 53 -4.95 1.13 14.94
C VAL A 53 -4.97 1.99 13.68
N MET A 54 -4.15 3.06 13.66
CA MET A 54 -3.90 3.91 12.48
C MET A 54 -3.38 3.20 11.20
N ALA A 55 -2.65 2.09 11.36
CA ALA A 55 -2.08 1.38 10.18
C ALA A 55 -3.00 0.28 9.76
N TYR A 56 -4.13 0.14 10.44
CA TYR A 56 -4.92 -1.01 10.11
C TYR A 56 -4.10 -2.34 10.17
N SER A 57 -3.08 -2.44 11.02
CA SER A 57 -2.27 -3.66 11.19
C SER A 57 -2.59 -4.45 12.41
N ASN A 58 -1.95 -5.62 12.53
CA ASN A 58 -2.05 -6.46 13.72
C ASN A 58 -0.74 -7.13 14.18
N CYS A 59 0.20 -6.29 14.57
CA CYS A 59 1.50 -6.77 14.98
C CYS A 59 1.77 -6.47 16.43
N LYS A 60 2.06 -7.50 17.23
CA LYS A 60 2.44 -7.28 18.63
C LYS A 60 3.77 -6.65 18.61
N VAL A 61 3.94 -5.66 19.47
CA VAL A 61 5.21 -5.03 19.67
C VAL A 61 5.51 -5.09 21.17
N SER A 62 6.67 -5.60 21.54
CA SER A 62 6.99 -5.64 22.94
C SER A 62 8.43 -5.25 23.17
N GLY A 63 8.71 -4.87 24.39
CA GLY A 63 10.07 -4.64 24.77
C GLY A 63 10.69 -5.87 25.40
N SER A 64 12.01 -5.83 25.51
CA SER A 64 12.73 -6.92 26.12
C SER A 64 14.07 -6.55 26.64
N ASN A 65 14.40 -7.19 27.78
CA ASN A 65 15.73 -7.11 28.33
C ASN A 65 16.43 -8.49 28.46
N THR A 66 15.87 -9.53 27.88
CA THR A 66 16.45 -10.90 27.89
C THR A 66 16.60 -11.53 26.48
N TYR A 67 17.79 -12.05 26.21
CA TYR A 67 18.04 -12.77 24.97
C TYR A 67 17.17 -14.04 24.88
N ASP A 68 16.46 -14.39 25.95
CA ASP A 68 15.52 -15.53 25.86
C ASP A 68 14.40 -15.20 24.86
N ASP A 69 14.19 -13.91 24.61
CA ASP A 69 13.11 -13.53 23.70
C ASP A 69 13.41 -13.82 22.21
N LEU A 70 14.69 -14.11 21.91
CA LEU A 70 15.07 -14.69 20.61
C LEU A 70 14.38 -16.00 20.26
N ALA A 71 13.75 -16.71 21.21
CA ALA A 71 13.12 -18.04 20.85
C ALA A 71 12.03 -17.80 19.76
N GLY A 72 12.09 -18.55 18.65
CA GLY A 72 11.11 -18.52 17.55
C GLY A 72 11.30 -17.34 16.60
N ALA A 73 12.34 -16.54 16.79
CA ALA A 73 12.56 -15.40 15.92
C ALA A 73 12.73 -15.89 14.42
N ASP A 74 12.13 -15.16 13.47
CA ASP A 74 12.21 -15.50 12.07
C ASP A 74 13.33 -14.72 11.45
N VAL A 75 13.49 -13.50 11.97
CA VAL A 75 14.46 -12.57 11.49
C VAL A 75 15.03 -11.88 12.73
N VAL A 76 16.36 -11.70 12.79
CA VAL A 76 16.99 -10.91 13.87
C VAL A 76 17.80 -9.75 13.29
N ILE A 77 17.67 -8.58 13.85
CA ILE A 77 18.39 -7.44 13.27
C ILE A 77 19.23 -6.87 14.34
N VAL A 78 20.55 -6.86 14.12
CA VAL A 78 21.42 -6.43 15.11
C VAL A 78 21.89 -4.99 14.87
N THR A 79 21.40 -4.06 15.65
CA THR A 79 21.97 -2.68 15.57
C THR A 79 22.82 -2.33 16.80
N ALA A 80 22.83 -3.19 17.81
CA ALA A 80 23.38 -2.68 19.09
C ALA A 80 24.88 -2.72 18.98
N GLY A 81 25.58 -1.82 19.67
CA GLY A 81 27.05 -1.94 19.79
C GLY A 81 27.55 -0.60 20.19
N PHE A 82 28.82 -0.52 20.62
CA PHE A 82 29.52 0.73 20.81
C PHE A 82 29.77 1.48 19.52
N THR A 83 29.76 2.79 19.56
CA THR A 83 29.98 3.54 18.34
C THR A 83 31.00 4.63 18.66
N LYS A 84 31.11 5.06 19.91
CA LYS A 84 32.03 6.15 20.29
C LYS A 84 32.75 5.71 21.55
N ALA A 85 33.58 6.60 22.12
CA ALA A 85 34.19 6.37 23.43
C ALA A 85 33.06 6.13 24.42
N PRO A 86 33.06 4.99 25.12
CA PRO A 86 31.98 4.60 25.98
C PRO A 86 31.75 5.53 27.16
N GLY A 87 32.85 6.06 27.69
CA GLY A 87 32.78 6.98 28.81
C GLY A 87 33.71 8.14 28.67
N LYS A 88 33.43 9.15 29.47
CA LYS A 88 34.36 10.27 29.72
C LYS A 88 35.81 9.78 30.04
N SER A 89 35.88 8.73 30.84
CA SER A 89 37.14 8.14 31.23
C SER A 89 37.95 7.57 30.07
N ASP A 90 37.32 7.15 28.98
CA ASP A 90 38.09 6.51 27.94
C ASP A 90 38.91 7.52 27.14
N LYS A 91 40.14 7.66 27.61
CA LYS A 91 40.98 8.84 27.45
C LYS A 91 41.25 9.24 26.03
N GLU A 92 41.95 8.38 25.31
CA GLU A 92 42.31 8.77 23.97
C GLU A 92 42.14 7.55 23.15
N TRP A 93 40.92 7.40 22.74
CA TRP A 93 40.49 6.15 22.25
C TRP A 93 40.26 6.39 20.77
N ASN A 94 40.36 5.40 19.91
CA ASN A 94 39.98 5.62 18.51
C ASN A 94 39.09 4.50 17.98
N ARG A 95 38.62 4.66 16.75
CA ARG A 95 37.71 3.73 16.11
C ARG A 95 38.03 2.24 16.35
N ASP A 96 39.29 1.87 16.15
CA ASP A 96 39.76 0.51 16.33
C ASP A 96 39.56 -0.02 17.75
N ASP A 97 39.59 0.85 18.74
CA ASP A 97 39.42 0.37 20.09
C ASP A 97 38.07 -0.32 20.32
N LEU A 98 37.12 -0.08 19.42
CA LEU A 98 35.76 -0.52 19.62
C LEU A 98 35.65 -1.94 19.17
N LEU A 99 36.58 -2.36 18.31
CA LEU A 99 36.56 -3.69 17.78
C LEU A 99 36.46 -4.85 18.83
N PRO A 100 37.34 -4.84 19.89
CA PRO A 100 37.22 -5.95 20.84
C PRO A 100 35.87 -5.92 21.61
N LEU A 101 35.42 -4.74 22.02
CA LEU A 101 34.09 -4.59 22.64
C LEU A 101 32.90 -5.10 21.80
N ASN A 102 32.86 -4.86 20.49
CA ASN A 102 31.67 -5.28 19.76
C ASN A 102 31.73 -6.76 19.49
N ASN A 103 32.94 -7.27 19.33
CA ASN A 103 33.14 -8.67 19.15
C ASN A 103 32.56 -9.41 20.35
N LYS A 104 32.86 -8.91 21.54
CA LYS A 104 32.29 -9.49 22.78
C LYS A 104 30.72 -9.53 22.80
N ILE A 105 30.11 -8.44 22.37
CA ILE A 105 28.68 -8.45 22.10
C ILE A 105 28.22 -9.51 21.09
N MET A 106 28.98 -9.72 19.99
CA MET A 106 28.59 -10.68 18.97
C MET A 106 28.74 -12.13 19.43
N ILE A 107 29.73 -12.39 20.30
CA ILE A 107 29.94 -13.68 20.98
C ILE A 107 28.69 -13.96 21.78
N GLU A 108 28.26 -12.97 22.54
CA GLU A 108 27.10 -13.21 23.37
C GLU A 108 25.81 -13.38 22.54
N ILE A 109 25.56 -12.47 21.60
CA ILE A 109 24.39 -12.63 20.80
C ILE A 109 24.45 -13.94 20.04
N GLY A 110 25.62 -14.32 19.52
CA GLY A 110 25.59 -15.52 18.67
C GLY A 110 25.29 -16.84 19.39
N GLY A 111 25.72 -16.91 20.66
CA GLY A 111 25.46 -18.13 21.45
C GLY A 111 23.96 -18.19 21.65
N HIS A 112 23.35 -17.05 21.83
CA HIS A 112 21.86 -17.12 21.99
C HIS A 112 21.08 -17.37 20.74
N ILE A 113 21.65 -17.03 19.59
CA ILE A 113 20.97 -17.39 18.35
C ILE A 113 21.04 -18.90 18.21
N LYS A 114 22.20 -19.42 18.58
CA LYS A 114 22.52 -20.80 18.34
C LYS A 114 21.60 -21.67 19.17
N LYS A 115 21.38 -21.23 20.41
CA LYS A 115 20.39 -21.79 21.34
C LYS A 115 18.97 -21.57 20.89
N ASN A 116 18.58 -20.31 20.63
CA ASN A 116 17.13 -19.98 20.53
C ASN A 116 16.53 -19.86 19.16
N CYS A 117 17.34 -19.56 18.13
CA CYS A 117 16.77 -19.42 16.80
C CYS A 117 17.81 -19.79 15.73
N PRO A 118 18.27 -21.06 15.79
CA PRO A 118 19.30 -21.46 14.80
C PRO A 118 18.78 -21.33 13.39
N ASN A 119 17.47 -21.23 13.19
CA ASN A 119 17.00 -21.04 11.80
C ASN A 119 16.67 -19.64 11.39
N ALA A 120 16.90 -18.68 12.26
CA ALA A 120 16.58 -17.28 11.88
C ALA A 120 17.38 -16.81 10.72
N PHE A 121 16.85 -15.80 10.03
CA PHE A 121 17.59 -15.03 9.08
C PHE A 121 18.19 -13.76 9.80
N ILE A 122 19.50 -13.50 9.65
CA ILE A 122 20.12 -12.49 10.51
C ILE A 122 20.64 -11.35 9.69
N ILE A 123 20.42 -10.14 10.14
CA ILE A 123 20.92 -8.98 9.37
C ILE A 123 21.69 -8.16 10.34
N VAL A 124 22.97 -7.89 10.05
CA VAL A 124 23.82 -7.21 11.08
C VAL A 124 24.04 -5.76 10.64
N VAL A 125 24.03 -4.80 11.54
CA VAL A 125 24.16 -3.39 11.15
C VAL A 125 25.32 -2.79 11.91
N THR A 126 25.67 -3.41 13.03
CA THR A 126 26.65 -2.81 13.92
C THR A 126 27.98 -2.61 13.15
N ASN A 127 28.56 -1.43 13.29
CA ASN A 127 29.84 -1.09 12.64
C ASN A 127 31.17 -1.58 13.21
N PRO A 128 32.18 -1.92 12.34
CA PRO A 128 32.21 -1.98 10.85
C PRO A 128 31.56 -3.27 10.41
N VAL A 129 30.56 -3.16 9.54
CA VAL A 129 29.58 -4.21 9.45
C VAL A 129 30.16 -5.44 8.83
N ASP A 130 31.11 -5.22 7.92
CA ASP A 130 31.71 -6.33 7.13
C ASP A 130 32.51 -7.24 8.07
N VAL A 131 33.15 -6.62 9.04
CA VAL A 131 33.73 -7.32 10.20
C VAL A 131 32.68 -7.87 11.17
N MET A 132 31.88 -6.98 11.74
CA MET A 132 30.87 -7.52 12.66
C MET A 132 30.01 -8.70 12.08
N VAL A 133 29.59 -8.69 10.81
CA VAL A 133 28.71 -9.75 10.28
C VAL A 133 29.43 -11.10 10.29
N GLN A 134 30.73 -11.09 9.96
CA GLN A 134 31.48 -12.31 9.91
C GLN A 134 31.68 -12.88 11.33
N LEU A 135 32.09 -12.00 12.23
CA LEU A 135 32.06 -12.39 13.66
C LEU A 135 30.72 -13.08 14.06
N LEU A 136 29.58 -12.45 13.73
CA LEU A 136 28.34 -13.03 14.21
C LEU A 136 28.01 -14.33 13.47
N HIS A 137 28.51 -14.48 12.22
CA HIS A 137 28.33 -15.72 11.47
C HIS A 137 29.14 -16.79 12.12
N GLN A 138 30.35 -16.44 12.56
CA GLN A 138 31.21 -17.42 13.21
C GLN A 138 30.66 -17.82 14.57
N HIS A 139 30.29 -16.85 15.35
CA HIS A 139 29.75 -17.22 16.66
C HIS A 139 28.32 -17.80 16.68
N SER A 140 27.42 -17.47 15.71
CA SER A 140 26.09 -18.07 15.69
C SER A 140 25.98 -19.51 15.15
N GLY A 141 26.90 -19.92 14.28
CA GLY A 141 26.79 -21.18 13.53
C GLY A 141 25.72 -21.17 12.44
N VAL A 142 25.20 -20.00 12.04
CA VAL A 142 24.14 -20.05 11.01
C VAL A 142 24.72 -20.27 9.59
N PRO A 143 23.90 -20.83 8.68
CA PRO A 143 24.37 -21.09 7.30
C PRO A 143 24.67 -19.75 6.65
N LYS A 144 25.60 -19.79 5.68
CA LYS A 144 26.19 -18.59 5.12
C LYS A 144 25.12 -17.84 4.33
N ASN A 145 24.06 -18.56 3.93
CA ASN A 145 23.05 -17.86 3.18
C ASN A 145 21.92 -17.41 4.10
N LYS A 146 22.10 -17.46 5.43
CA LYS A 146 21.01 -16.98 6.27
C LYS A 146 21.53 -15.79 7.06
N ILE A 147 22.67 -15.24 6.65
CA ILE A 147 23.21 -14.05 7.39
C ILE A 147 23.87 -13.04 6.54
N ILE A 148 23.58 -11.73 6.78
CA ILE A 148 24.05 -10.69 5.90
C ILE A 148 24.33 -9.36 6.57
N GLY A 149 25.07 -8.53 5.88
CA GLY A 149 25.37 -7.23 6.54
C GLY A 149 24.73 -6.10 5.75
N LEU A 150 24.39 -5.03 6.47
CA LEU A 150 23.84 -3.85 5.88
C LEU A 150 24.93 -2.99 5.32
N GLY A 151 24.79 -2.69 4.03
CA GLY A 151 25.74 -1.85 3.33
C GLY A 151 25.17 -1.18 2.10
N GLY A 152 25.17 -1.90 0.99
CA GLY A 152 24.90 -1.32 -0.33
C GLY A 152 23.55 -0.65 -0.48
N VAL A 153 22.53 -1.20 0.19
CA VAL A 153 21.19 -0.62 0.03
C VAL A 153 21.28 0.80 0.46
N LEU A 154 21.95 1.04 1.57
CA LEU A 154 21.92 2.36 2.15
C LEU A 154 22.81 3.26 1.38
N ASP A 155 24.11 2.91 1.24
CA ASP A 155 25.02 3.68 0.45
C ASP A 155 24.48 4.05 -0.92
N THR A 156 23.89 3.09 -1.59
CA THR A 156 23.36 3.36 -2.94
C THR A 156 22.11 4.19 -2.88
N SER A 157 21.30 4.11 -1.78
CA SER A 157 20.07 4.85 -1.83
C SER A 157 20.47 6.35 -1.83
N ARG A 158 21.65 6.66 -1.30
CA ARG A 158 22.04 8.12 -1.31
C ARG A 158 22.64 8.48 -2.67
N LEU A 159 23.25 7.50 -3.34
CA LEU A 159 23.80 7.85 -4.63
C LEU A 159 22.63 7.97 -5.61
N LYS A 160 21.71 7.02 -5.58
CA LYS A 160 20.54 7.18 -6.42
C LYS A 160 19.82 8.52 -6.24
N TYR A 161 19.72 8.95 -4.99
CA TYR A 161 18.92 10.05 -4.70
C TYR A 161 19.55 11.35 -5.21
N TYR A 162 20.83 11.56 -4.92
CA TYR A 162 21.57 12.75 -5.35
C TYR A 162 21.60 12.81 -6.89
N ILE A 163 21.71 11.65 -7.53
CA ILE A 163 21.67 11.63 -9.01
C ILE A 163 20.26 11.97 -9.50
N SER A 164 19.26 11.68 -8.67
CA SER A 164 17.92 11.75 -9.21
C SER A 164 17.55 13.17 -9.17
N GLN A 165 18.13 13.89 -8.22
CA GLN A 165 17.84 15.31 -8.10
C GLN A 165 18.39 16.08 -9.25
N LYS A 166 19.67 15.92 -9.58
CA LYS A 166 20.23 16.52 -10.79
C LYS A 166 19.47 16.24 -12.06
N LEU A 167 19.02 15.00 -12.25
CA LEU A 167 18.33 14.64 -13.51
C LEU A 167 16.81 14.65 -13.52
N ASN A 168 16.17 14.98 -12.38
CA ASN A 168 14.72 15.10 -12.30
C ASN A 168 13.95 13.92 -12.69
N VAL A 169 14.34 12.76 -12.17
CA VAL A 169 13.57 11.53 -12.33
C VAL A 169 13.18 10.91 -10.94
N CYS A 170 12.17 10.03 -10.92
CA CYS A 170 11.93 9.20 -9.74
C CYS A 170 13.27 8.67 -9.17
N PRO A 171 13.54 8.91 -7.87
CA PRO A 171 14.77 8.52 -7.16
C PRO A 171 15.06 7.08 -7.36
N ARG A 172 14.04 6.23 -7.35
CA ARG A 172 14.28 4.84 -7.57
C ARG A 172 14.54 4.41 -9.05
N ASP A 173 14.44 5.38 -9.97
CA ASP A 173 14.68 5.03 -11.37
C ASP A 173 16.15 5.13 -11.66
N VAL A 174 16.89 5.61 -10.67
CA VAL A 174 18.37 5.57 -10.72
C VAL A 174 18.79 4.26 -10.11
N ASN A 175 19.69 3.58 -10.80
CA ASN A 175 20.19 2.36 -10.26
C ASN A 175 21.72 2.49 -10.22
N ALA A 176 22.36 2.09 -9.12
CA ALA A 176 23.82 2.24 -9.03
C ALA A 176 24.32 1.10 -8.20
N HIS A 177 25.60 0.76 -8.32
CA HIS A 177 26.16 -0.27 -7.46
C HIS A 177 27.23 0.27 -6.63
N ILE A 178 27.30 -0.24 -5.38
CA ILE A 178 28.41 0.11 -4.53
C ILE A 178 28.75 -1.14 -3.74
N VAL A 179 29.99 -1.62 -3.89
CA VAL A 179 30.40 -2.93 -3.43
C VAL A 179 31.66 -2.88 -2.59
N GLY A 180 32.01 -4.05 -2.07
CA GLY A 180 33.26 -4.21 -1.35
C GLY A 180 33.11 -4.06 0.16
N ALA A 181 32.98 -2.82 0.62
CA ALA A 181 32.71 -2.55 2.04
C ALA A 181 31.85 -1.31 2.20
N HIS A 182 31.13 -1.27 3.33
CA HIS A 182 30.42 -0.14 3.80
C HIS A 182 31.46 0.76 4.44
N GLY A 183 31.31 2.08 4.46
CA GLY A 183 32.36 2.93 5.04
C GLY A 183 33.26 3.62 4.03
N ASN A 184 34.28 4.31 4.52
CA ASN A 184 35.15 5.08 3.71
C ASN A 184 35.75 4.38 2.52
N LYS A 185 35.88 3.07 2.57
CA LYS A 185 36.53 2.49 1.44
C LYS A 185 35.59 1.91 0.40
N MET A 186 34.29 2.21 0.56
CA MET A 186 33.23 1.73 -0.37
C MET A 186 33.58 1.89 -1.84
N VAL A 187 33.31 0.91 -2.69
CA VAL A 187 33.65 1.16 -4.11
C VAL A 187 32.47 1.65 -4.93
N LEU A 188 32.49 2.92 -5.38
CA LEU A 188 31.43 3.50 -6.23
C LEU A 188 31.76 3.14 -7.73
N LEU A 189 30.87 2.37 -8.37
CA LEU A 189 31.11 1.80 -9.70
C LEU A 189 30.43 2.71 -10.72
N LYS A 190 31.07 3.81 -11.07
CA LYS A 190 30.57 4.70 -12.14
C LYS A 190 30.03 4.00 -13.42
N ARG A 191 30.69 2.93 -13.85
CA ARG A 191 30.22 2.19 -15.02
C ARG A 191 28.89 1.48 -14.86
N TYR A 192 28.41 1.33 -13.64
CA TYR A 192 27.25 0.48 -13.46
C TYR A 192 26.09 1.35 -12.91
N ILE A 193 26.02 2.59 -13.37
CA ILE A 193 24.96 3.44 -13.00
C ILE A 193 24.03 3.53 -14.20
N THR A 194 22.73 3.68 -13.95
CA THR A 194 21.78 3.77 -14.99
C THR A 194 20.68 4.59 -14.51
N VAL A 195 19.91 5.07 -15.50
CA VAL A 195 18.78 5.90 -15.22
C VAL A 195 17.67 5.34 -16.07
N GLY A 196 16.57 4.97 -15.44
CA GLY A 196 15.55 4.20 -16.15
C GLY A 196 16.15 3.12 -17.06
N GLY A 197 17.28 2.50 -16.66
CA GLY A 197 17.76 1.28 -17.35
C GLY A 197 18.72 1.69 -18.44
N ILE A 198 18.94 3.00 -18.58
CA ILE A 198 19.83 3.60 -19.57
C ILE A 198 21.15 3.97 -18.90
N PRO A 199 22.35 3.67 -19.55
CA PRO A 199 23.60 3.96 -18.92
C PRO A 199 23.73 5.44 -18.59
N LEU A 200 24.19 5.73 -17.38
CA LEU A 200 24.44 7.13 -17.05
C LEU A 200 25.21 7.84 -18.18
N GLN A 201 26.24 7.22 -18.79
CA GLN A 201 27.08 7.88 -19.81
C GLN A 201 26.31 8.61 -20.93
N GLU A 202 25.15 8.08 -21.33
CA GLU A 202 24.33 8.79 -22.31
C GLU A 202 23.87 10.18 -21.83
N PHE A 203 23.60 10.32 -20.53
CA PHE A 203 23.23 11.63 -19.96
C PHE A 203 24.38 12.57 -19.79
N ILE A 204 25.54 11.99 -19.57
CA ILE A 204 26.77 12.77 -19.51
C ILE A 204 27.04 13.21 -20.93
N ASN A 205 26.83 12.33 -21.92
CA ASN A 205 26.98 12.84 -23.32
C ASN A 205 26.06 14.03 -23.71
N ASN A 206 24.82 14.09 -23.16
CA ASN A 206 23.89 15.13 -23.50
C ASN A 206 24.14 16.30 -22.62
N LYS A 207 25.15 16.18 -21.78
CA LYS A 207 25.56 17.27 -20.93
C LYS A 207 24.44 17.58 -19.94
N LEU A 208 23.78 16.53 -19.49
CA LEU A 208 22.70 16.72 -18.49
C LEU A 208 23.31 16.61 -17.09
N ILE A 209 24.54 16.12 -17.04
CA ILE A 209 25.26 15.98 -15.80
C ILE A 209 26.68 15.76 -16.27
N SER A 210 27.68 16.26 -15.53
CA SER A 210 29.04 16.25 -15.99
C SER A 210 29.88 15.29 -15.10
N ASP A 211 31.02 14.81 -15.60
CA ASP A 211 31.99 14.05 -14.77
C ASP A 211 32.32 14.60 -13.43
N ALA A 212 32.49 15.94 -13.33
CA ALA A 212 32.90 16.57 -12.10
C ALA A 212 31.73 16.69 -11.11
N GLU A 213 30.53 16.92 -11.62
CA GLU A 213 29.34 16.95 -10.76
C GLU A 213 29.14 15.48 -10.30
N LEU A 214 29.43 14.48 -11.14
CA LEU A 214 29.26 13.13 -10.65
C LEU A 214 30.29 12.83 -9.57
N GLU A 215 31.54 13.24 -9.79
CA GLU A 215 32.57 13.08 -8.80
C GLU A 215 32.20 13.76 -7.50
N ALA A 216 31.70 14.97 -7.58
CA ALA A 216 31.24 15.62 -6.36
C ALA A 216 30.08 14.85 -5.69
N ILE A 217 29.21 14.21 -6.46
CA ILE A 217 28.13 13.41 -5.85
C ILE A 217 28.67 12.14 -5.14
N PHE A 218 29.72 11.59 -5.74
CA PHE A 218 30.51 10.44 -5.26
C PHE A 218 31.11 10.78 -3.87
N ASP A 219 31.68 11.98 -3.74
CA ASP A 219 32.18 12.41 -2.47
C ASP A 219 31.09 12.64 -1.46
N ARG A 220 29.97 13.20 -1.87
CA ARG A 220 28.96 13.53 -0.91
C ARG A 220 28.39 12.21 -0.43
N THR A 221 28.29 11.23 -1.32
CA THR A 221 27.74 9.91 -0.90
C THR A 221 28.66 9.33 0.14
N VAL A 222 29.97 9.29 -0.12
CA VAL A 222 30.87 8.61 0.78
C VAL A 222 30.79 9.27 2.15
N ASN A 223 30.62 10.60 2.17
CA ASN A 223 30.62 11.34 3.37
C ASN A 223 29.21 11.69 3.95
N THR A 224 28.15 10.98 3.55
CA THR A 224 26.76 11.41 3.95
C THR A 224 26.55 11.42 5.47
N ALA A 225 26.93 10.32 6.11
CA ALA A 225 26.77 10.18 7.53
C ALA A 225 27.49 11.29 8.25
N LEU A 226 28.72 11.59 7.86
CA LEU A 226 29.40 12.86 8.38
C LEU A 226 28.65 14.19 8.10
N GLU A 227 28.07 14.30 6.92
CA GLU A 227 27.46 15.55 6.58
C GLU A 227 26.25 15.75 7.51
N ILE A 228 25.54 14.68 7.78
CA ILE A 228 24.35 14.79 8.59
C ILE A 228 24.74 15.12 10.05
N VAL A 229 25.88 14.65 10.55
CA VAL A 229 26.16 14.74 11.99
C VAL A 229 26.67 16.15 12.17
N ASN A 230 27.39 16.64 11.16
CA ASN A 230 27.79 18.01 11.10
C ASN A 230 26.64 18.95 11.13
N LEU A 231 25.43 18.53 10.71
CA LEU A 231 24.27 19.46 10.78
C LEU A 231 23.46 19.35 12.09
N HIS A 232 24.08 18.73 13.09
CA HIS A 232 23.40 18.42 14.39
C HIS A 232 22.26 17.45 14.32
N ALA A 233 22.33 16.46 13.42
CA ALA A 233 21.41 15.31 13.39
C ALA A 233 22.16 14.00 13.31
N SER A 234 21.41 12.96 13.01
CA SER A 234 21.96 11.60 13.06
C SER A 234 21.26 10.68 12.03
N PRO A 235 22.03 9.97 11.20
CA PRO A 235 21.43 9.12 10.18
C PRO A 235 20.75 7.86 10.74
N TYR A 236 19.43 7.88 10.90
CA TYR A 236 18.80 6.65 11.36
C TYR A 236 17.56 6.25 10.60
N VAL A 237 16.92 7.18 9.95
CA VAL A 237 15.73 6.84 9.13
C VAL A 237 16.05 6.04 7.86
N ALA A 238 16.98 6.62 7.10
CA ALA A 238 17.53 5.88 5.96
C ALA A 238 17.99 4.45 6.30
N PRO A 239 18.88 4.30 7.31
CA PRO A 239 19.28 2.95 7.63
C PRO A 239 18.14 1.96 7.90
N ALA A 240 17.22 2.35 8.80
CA ALA A 240 16.07 1.62 9.11
C ALA A 240 15.29 1.25 7.88
N ALA A 241 14.98 2.21 7.01
CA ALA A 241 14.27 1.76 5.82
C ALA A 241 15.06 0.80 4.93
N ALA A 242 16.36 0.95 4.81
CA ALA A 242 17.07 0.00 3.93
C ALA A 242 17.06 -1.36 4.63
N ILE A 243 17.15 -1.36 5.97
CA ILE A 243 17.07 -2.68 6.56
C ILE A 243 15.77 -3.32 6.35
N ILE A 244 14.67 -2.57 6.53
CA ILE A 244 13.34 -3.16 6.36
C ILE A 244 13.13 -3.67 4.90
N GLU A 245 13.65 -2.89 3.93
CA GLU A 245 13.65 -3.44 2.55
C GLU A 245 14.26 -4.86 2.42
N MET A 246 15.41 -5.08 3.08
CA MET A 246 16.06 -6.37 2.97
C MET A 246 15.22 -7.43 3.68
N ALA A 247 14.87 -7.15 4.95
CA ALA A 247 13.96 -8.02 5.71
C ALA A 247 12.67 -8.44 4.96
N GLU A 248 12.07 -7.47 4.31
CA GLU A 248 10.83 -7.67 3.59
C GLU A 248 10.96 -8.57 2.36
N SER A 249 12.06 -8.36 1.65
CA SER A 249 12.38 -9.19 0.55
C SER A 249 12.58 -10.62 0.97
N TYR A 250 13.18 -10.85 2.13
CA TYR A 250 13.25 -12.24 2.68
C TYR A 250 11.89 -12.79 3.10
N LEU A 251 11.19 -12.05 3.97
CA LEU A 251 9.88 -12.55 4.45
C LEU A 251 8.83 -12.77 3.38
N LYS A 252 8.76 -11.86 2.39
CA LYS A 252 7.77 -11.97 1.35
C LYS A 252 8.34 -12.62 0.07
N ASP A 253 9.61 -13.03 0.13
CA ASP A 253 10.22 -13.85 -0.97
C ASP A 253 10.13 -13.16 -2.31
N LEU A 254 10.48 -11.86 -2.29
CA LEU A 254 10.41 -11.02 -3.41
C LEU A 254 11.57 -11.35 -4.36
N LYS A 255 12.65 -12.00 -3.89
CA LYS A 255 13.91 -12.24 -4.72
C LYS A 255 14.36 -10.94 -5.39
N LYS A 256 14.39 -9.88 -4.60
CA LYS A 256 15.01 -8.63 -5.06
C LYS A 256 16.53 -8.73 -5.15
N VAL A 257 17.06 -7.98 -6.11
CA VAL A 257 18.49 -7.75 -6.17
C VAL A 257 18.91 -6.57 -5.34
N LEU A 258 19.71 -6.87 -4.32
CA LEU A 258 19.96 -5.88 -3.27
C LEU A 258 21.41 -6.05 -2.95
N ILE A 259 22.13 -4.95 -2.72
CA ILE A 259 23.51 -5.12 -2.34
C ILE A 259 23.77 -5.27 -0.82
N CYS A 260 24.22 -6.48 -0.43
CA CYS A 260 24.46 -6.73 1.02
C CYS A 260 25.91 -7.12 1.28
N SER A 261 26.37 -7.01 2.53
CA SER A 261 27.62 -7.65 2.88
C SER A 261 27.34 -9.18 2.99
N THR A 262 28.11 -10.04 2.33
CA THR A 262 27.84 -11.50 2.33
C THR A 262 29.20 -12.28 2.26
N LEU A 263 29.19 -13.59 2.53
CA LEU A 263 30.43 -14.37 2.58
C LEU A 263 30.92 -14.56 1.14
N LEU A 264 32.17 -14.22 0.87
CA LEU A 264 32.77 -14.47 -0.46
C LEU A 264 33.47 -15.77 -0.37
N GLU A 265 33.12 -16.65 -1.29
CA GLU A 265 33.75 -17.92 -1.35
C GLU A 265 34.48 -17.90 -2.69
N GLY A 266 35.34 -16.89 -2.89
CA GLY A 266 36.19 -16.84 -4.10
C GLY A 266 35.77 -15.82 -5.17
N GLN A 267 34.60 -15.17 -5.02
CA GLN A 267 34.21 -14.07 -5.94
C GLN A 267 35.17 -12.92 -5.77
N TYR A 268 35.50 -12.29 -6.88
CA TYR A 268 36.44 -11.16 -6.92
C TYR A 268 37.82 -11.58 -6.46
N GLY A 269 38.02 -12.91 -6.46
CA GLY A 269 39.29 -13.51 -6.03
C GLY A 269 39.44 -13.49 -4.53
N HIS A 270 38.36 -13.43 -3.74
CA HIS A 270 38.48 -13.41 -2.27
C HIS A 270 37.65 -14.45 -1.58
N SER A 271 38.17 -15.02 -0.50
CA SER A 271 37.54 -16.12 0.27
C SER A 271 37.54 -15.85 1.77
N ASP A 272 36.62 -16.46 2.52
CA ASP A 272 36.60 -16.42 4.00
C ASP A 272 36.62 -15.01 4.63
N ILE A 273 35.97 -14.08 3.92
CA ILE A 273 35.82 -12.68 4.33
C ILE A 273 34.42 -12.32 3.76
N PHE A 274 33.72 -11.42 4.42
CA PHE A 274 32.42 -11.00 3.92
C PHE A 274 32.66 -9.69 3.19
N GLY A 275 31.94 -9.44 2.11
CA GLY A 275 32.06 -8.11 1.46
C GLY A 275 30.79 -7.77 0.69
N GLY A 276 30.62 -6.48 0.36
CA GLY A 276 29.37 -6.03 -0.33
C GLY A 276 29.36 -6.36 -1.80
N THR A 277 28.24 -6.95 -2.21
CA THR A 277 28.02 -7.46 -3.56
C THR A 277 26.51 -7.67 -3.73
N PRO A 278 25.96 -7.41 -4.94
CA PRO A 278 24.53 -7.63 -5.10
C PRO A 278 24.29 -9.14 -4.93
N VAL A 279 23.16 -9.47 -4.29
CA VAL A 279 22.76 -10.84 -4.10
C VAL A 279 21.25 -10.78 -4.36
N VAL A 280 20.66 -11.95 -4.62
CA VAL A 280 19.26 -12.09 -4.68
C VAL A 280 18.72 -12.57 -3.29
N LEU A 281 17.78 -11.82 -2.70
CA LEU A 281 17.20 -12.16 -1.35
C LEU A 281 15.81 -12.72 -1.39
N GLY A 282 15.62 -13.98 -1.02
CA GLY A 282 14.27 -14.54 -1.07
C GLY A 282 13.99 -15.40 0.16
N ALA A 283 12.96 -16.29 0.05
CA ALA A 283 12.56 -17.24 1.11
C ALA A 283 13.69 -18.09 1.65
N ASN A 284 14.68 -18.35 0.80
CA ASN A 284 15.82 -19.18 1.11
C ASN A 284 17.04 -18.42 1.56
N GLY A 285 16.89 -17.13 1.88
CA GLY A 285 18.00 -16.29 2.31
C GLY A 285 18.64 -15.69 1.10
N VAL A 286 19.97 -15.75 1.10
CA VAL A 286 20.73 -15.30 -0.01
C VAL A 286 20.62 -16.39 -1.04
N GLU A 287 19.82 -16.20 -2.10
CA GLU A 287 19.61 -17.28 -3.08
C GLU A 287 20.68 -17.22 -4.14
N GLN A 288 21.31 -16.06 -4.32
CA GLN A 288 22.25 -15.92 -5.43
C GLN A 288 23.20 -14.84 -4.99
N VAL A 289 24.48 -15.04 -5.28
CA VAL A 289 25.47 -14.05 -4.99
C VAL A 289 25.89 -13.70 -6.39
N ILE A 290 25.77 -12.42 -6.80
CA ILE A 290 26.14 -12.08 -8.12
C ILE A 290 27.48 -11.32 -8.05
N GLU A 291 28.47 -11.76 -8.82
CA GLU A 291 29.81 -11.17 -8.89
C GLU A 291 29.84 -10.29 -10.10
N LEU A 292 30.00 -8.96 -9.91
CA LEU A 292 30.17 -8.01 -11.01
C LEU A 292 31.52 -8.18 -11.76
N GLN A 293 31.50 -8.19 -13.09
CA GLN A 293 32.71 -8.50 -13.91
C GLN A 293 33.53 -7.23 -14.02
N LEU A 294 34.23 -6.91 -12.93
CA LEU A 294 34.96 -5.64 -12.75
C LEU A 294 36.16 -5.52 -13.69
N ASN A 295 36.59 -4.29 -14.01
CA ASN A 295 37.80 -4.14 -14.74
C ASN A 295 38.95 -4.08 -13.75
N SER A 296 40.19 -4.00 -14.26
CA SER A 296 41.33 -3.90 -13.38
C SER A 296 41.31 -2.76 -12.31
N GLU A 297 40.95 -1.52 -12.63
CA GLU A 297 41.05 -0.47 -11.63
C GLU A 297 39.89 -0.65 -10.61
N GLU A 298 38.79 -1.30 -11.02
CA GLU A 298 37.66 -1.62 -10.16
C GLU A 298 38.07 -2.77 -9.17
N LYS A 299 38.74 -3.76 -9.69
CA LYS A 299 39.31 -4.79 -8.82
C LYS A 299 40.23 -4.17 -7.74
N ALA A 300 41.11 -3.27 -8.16
CA ALA A 300 42.08 -2.63 -7.25
C ALA A 300 41.33 -1.96 -6.06
N LYS A 301 40.29 -1.21 -6.36
CA LYS A 301 39.48 -0.61 -5.30
C LYS A 301 38.75 -1.63 -4.41
N PHE A 302 38.19 -2.67 -5.03
CA PHE A 302 37.57 -3.73 -4.30
C PHE A 302 38.58 -4.33 -3.31
N ASP A 303 39.78 -4.66 -3.79
CA ASP A 303 40.86 -5.17 -2.97
C ASP A 303 41.23 -4.30 -1.81
N GLU A 304 41.27 -2.99 -1.98
CA GLU A 304 41.60 -2.18 -0.84
C GLU A 304 40.44 -2.15 0.18
N ALA A 305 39.18 -2.34 -0.26
CA ALA A 305 38.12 -2.38 0.74
C ALA A 305 38.29 -3.70 1.47
N ILE A 306 38.52 -4.81 0.75
CA ILE A 306 38.68 -6.08 1.49
C ILE A 306 39.83 -6.09 2.51
N ALA A 307 41.01 -5.68 2.09
CA ALA A 307 42.14 -5.51 3.00
C ALA A 307 41.79 -4.72 4.25
N GLU A 308 40.92 -3.74 4.12
CA GLU A 308 40.64 -2.93 5.28
C GLU A 308 39.71 -3.71 6.22
N THR A 309 38.72 -4.37 5.65
CA THR A 309 37.96 -5.34 6.43
C THR A 309 38.86 -6.33 7.21
N LYS A 310 39.86 -6.85 6.54
CA LYS A 310 40.85 -7.71 7.11
C LYS A 310 41.73 -7.03 8.16
N ARG A 311 42.18 -5.78 7.94
CA ARG A 311 42.96 -5.16 8.97
C ARG A 311 42.12 -5.13 10.26
N MET A 312 40.83 -4.80 10.19
CA MET A 312 40.03 -4.69 11.44
C MET A 312 39.62 -6.04 12.01
N LYS A 313 39.26 -7.00 11.17
CA LYS A 313 38.94 -8.33 11.67
C LYS A 313 40.04 -8.86 12.63
N ALA A 314 41.29 -8.98 12.16
CA ALA A 314 42.47 -9.26 12.97
C ALA A 314 42.55 -8.52 14.32
N LEU A 315 41.93 -7.36 14.49
CA LEU A 315 41.99 -6.61 15.76
C LEU A 315 40.81 -6.85 16.68
N ALA A 316 39.91 -7.74 16.28
CA ALA A 316 38.66 -7.91 17.04
C ALA A 316 38.96 -8.97 18.07
N PRO B 3 0.44 22.04 -7.87
CA PRO B 3 1.48 20.99 -7.97
C PRO B 3 1.23 19.89 -6.92
N LYS B 4 2.28 19.26 -6.38
CA LYS B 4 2.15 18.32 -5.24
C LYS B 4 1.85 19.11 -3.98
N ALA B 5 1.14 18.55 -3.02
CA ALA B 5 0.90 19.23 -1.71
C ALA B 5 2.20 19.58 -0.94
N LYS B 6 2.35 20.84 -0.44
CA LYS B 6 3.45 21.22 0.45
C LYS B 6 2.97 21.10 1.90
N ILE B 7 3.73 20.38 2.71
CA ILE B 7 3.40 20.11 4.08
C ILE B 7 4.50 20.72 4.94
N VAL B 8 4.15 21.47 5.93
CA VAL B 8 5.24 22.12 6.64
C VAL B 8 5.15 21.69 8.06
N LEU B 9 6.27 21.20 8.58
CA LEU B 9 6.21 20.73 9.94
C LEU B 9 6.80 21.84 10.78
N VAL B 10 5.99 22.46 11.61
CA VAL B 10 6.55 23.56 12.43
C VAL B 10 6.99 22.96 13.78
N GLY B 11 8.26 22.57 13.83
CA GLY B 11 8.76 21.76 14.95
C GLY B 11 9.30 20.44 14.40
N SER B 12 10.60 20.22 14.58
CA SER B 12 11.25 19.01 14.01
C SER B 12 11.98 18.20 15.07
N GLY B 13 11.31 17.95 16.19
CA GLY B 13 11.83 17.13 17.25
C GLY B 13 11.40 15.76 16.80
N MET B 14 11.32 14.80 17.69
CA MET B 14 10.99 13.41 17.35
C MET B 14 9.72 13.17 16.55
N ILE B 15 8.58 13.64 17.07
CA ILE B 15 7.27 13.56 16.43
C ILE B 15 7.32 14.07 14.99
N GLY B 16 7.93 15.25 14.81
CA GLY B 16 8.22 15.80 13.50
C GLY B 16 9.09 14.89 12.62
N GLY B 17 10.13 14.31 13.21
CA GLY B 17 10.90 13.28 12.49
C GLY B 17 9.98 12.14 12.01
N VAL B 18 9.04 11.70 12.86
CA VAL B 18 8.20 10.50 12.44
C VAL B 18 7.17 10.97 11.42
N MET B 19 6.77 12.22 11.52
CA MET B 19 5.87 12.80 10.45
C MET B 19 6.48 12.81 9.06
N ALA B 20 7.70 13.35 8.90
CA ALA B 20 8.42 13.27 7.61
C ALA B 20 8.46 11.84 7.06
N THR B 21 8.94 10.94 7.89
CA THR B 21 9.12 9.56 7.56
C THR B 21 7.87 8.98 6.95
N LEU B 22 6.75 8.99 7.69
CA LEU B 22 5.44 8.55 7.23
C LEU B 22 4.90 9.23 5.94
N ILE B 23 5.05 10.54 5.85
CA ILE B 23 4.68 11.27 4.65
C ILE B 23 5.52 10.83 3.46
N VAL B 24 6.77 10.39 3.65
CA VAL B 24 7.55 9.92 2.46
C VAL B 24 7.08 8.42 2.15
N GLN B 25 6.74 7.65 3.17
CA GLN B 25 6.25 6.27 2.85
C GLN B 25 4.93 6.31 2.06
N LYS B 26 3.88 6.90 2.56
CA LYS B 26 2.69 7.21 1.76
C LYS B 26 2.88 8.30 0.64
N ASN B 27 4.08 8.69 0.23
CA ASN B 27 4.18 9.64 -0.90
C ASN B 27 3.17 10.86 -0.87
N LEU B 28 2.93 11.40 0.31
CA LEU B 28 1.87 12.31 0.50
C LEU B 28 2.13 13.85 0.10
N GLY B 29 3.37 14.29 -0.06
CA GLY B 29 3.55 15.74 -0.30
C GLY B 29 5.01 16.07 -0.12
N ASP B 30 5.47 17.24 -0.60
CA ASP B 30 6.77 17.69 -0.21
C ASP B 30 6.69 18.02 1.25
N VAL B 31 7.81 17.90 1.94
CA VAL B 31 7.83 18.11 3.40
C VAL B 31 8.88 19.17 3.76
N VAL B 32 8.51 20.17 4.56
CA VAL B 32 9.55 21.08 5.11
C VAL B 32 9.66 20.84 6.58
N LEU B 33 10.87 20.62 7.07
CA LEU B 33 11.06 20.42 8.51
C LEU B 33 11.54 21.75 9.06
N PHE B 34 10.68 22.40 9.83
CA PHE B 34 11.09 23.65 10.35
C PHE B 34 11.39 23.58 11.84
N ASP B 35 12.33 24.40 12.31
CA ASP B 35 12.57 24.57 13.74
C ASP B 35 13.35 25.87 14.02
N ILE B 36 13.27 26.44 15.21
CA ILE B 36 14.25 27.49 15.52
C ILE B 36 15.66 26.97 15.79
N VAL B 37 15.83 25.69 16.12
CA VAL B 37 17.16 25.14 16.40
C VAL B 37 17.89 25.11 15.08
N LYS B 38 18.97 25.88 14.99
CA LYS B 38 19.78 25.88 13.79
C LYS B 38 20.27 24.50 13.31
N ASN B 39 20.38 24.37 11.99
CA ASN B 39 20.91 23.18 11.28
C ASN B 39 20.26 21.84 11.46
N MET B 40 19.88 21.48 12.67
CA MET B 40 19.36 20.09 12.90
C MET B 40 18.23 19.68 11.89
N PRO B 41 17.31 20.61 11.53
CA PRO B 41 16.24 20.16 10.59
C PRO B 41 16.81 19.82 9.19
N HIS B 42 17.77 20.59 8.73
CA HIS B 42 18.52 20.24 7.51
C HIS B 42 19.08 18.86 7.60
N GLY B 43 19.65 18.52 8.75
CA GLY B 43 20.20 17.19 8.94
C GLY B 43 19.20 16.04 8.85
N LYS B 44 18.08 16.17 9.56
CA LYS B 44 17.05 15.18 9.53
C LYS B 44 16.36 15.15 8.14
N ALA B 45 16.21 16.31 7.50
CA ALA B 45 15.61 16.35 6.18
C ALA B 45 16.46 15.53 5.21
N LEU B 46 17.77 15.75 5.32
CA LEU B 46 18.69 15.07 4.41
C LEU B 46 18.60 13.51 4.67
N ASP B 47 18.51 13.08 5.95
CA ASP B 47 18.44 11.65 6.30
C ASP B 47 17.11 11.07 5.72
N THR B 48 15.99 11.70 6.00
CA THR B 48 14.72 11.26 5.52
C THR B 48 14.61 11.21 4.00
N SER B 49 15.04 12.27 3.36
CA SER B 49 14.96 12.32 1.87
C SER B 49 15.50 11.08 1.16
N HIS B 50 16.62 10.48 1.63
CA HIS B 50 17.12 9.19 1.02
C HIS B 50 16.14 8.08 0.98
N THR B 51 15.15 8.18 1.87
CA THR B 51 14.19 7.10 1.93
C THR B 51 13.19 7.15 0.76
N ASN B 52 13.14 8.27 0.04
CA ASN B 52 12.38 8.17 -1.22
C ASN B 52 12.64 6.89 -2.03
N VAL B 53 13.91 6.43 -2.00
CA VAL B 53 14.36 5.39 -2.84
C VAL B 53 13.76 4.03 -2.40
N MET B 54 13.87 3.75 -1.10
CA MET B 54 13.37 2.48 -0.62
C MET B 54 11.85 2.52 -0.77
N ALA B 55 11.26 3.72 -0.71
CA ALA B 55 9.77 3.66 -0.66
C ALA B 55 9.15 3.88 -2.01
N TYR B 56 9.98 4.02 -3.02
CA TYR B 56 9.44 4.33 -4.33
C TYR B 56 8.64 5.61 -4.36
N SER B 57 9.13 6.68 -3.73
CA SER B 57 8.31 7.86 -3.60
C SER B 57 9.00 8.91 -4.27
N ASN B 58 8.44 10.15 -4.25
CA ASN B 58 9.14 11.24 -4.85
C ASN B 58 8.77 12.52 -4.19
N CYS B 59 9.04 12.53 -2.89
CA CYS B 59 8.85 13.70 -2.06
C CYS B 59 10.13 14.41 -1.75
N LYS B 60 10.13 15.73 -1.98
CA LYS B 60 11.20 16.61 -1.55
C LYS B 60 11.13 16.84 -0.08
N VAL B 61 12.24 16.65 0.60
CA VAL B 61 12.19 16.80 2.06
C VAL B 61 13.27 17.78 2.44
N SER B 62 12.88 18.90 2.94
CA SER B 62 13.78 20.07 3.25
C SER B 62 13.85 20.46 4.72
N GLY B 63 14.86 21.23 5.07
CA GLY B 63 14.98 21.77 6.40
C GLY B 63 14.90 23.27 6.30
N SER B 64 14.58 23.89 7.42
CA SER B 64 14.32 25.28 7.42
C SER B 64 14.42 25.84 8.82
N ASN B 65 15.02 27.02 8.87
CA ASN B 65 14.97 27.89 10.00
C ASN B 65 14.25 29.24 9.75
N THR B 66 13.53 29.45 8.64
CA THR B 66 12.75 30.72 8.45
C THR B 66 11.29 30.43 8.31
N TYR B 67 10.44 31.26 8.90
CA TYR B 67 9.03 31.07 8.63
C TYR B 67 8.71 31.49 7.20
N ASP B 68 9.71 31.89 6.43
CA ASP B 68 9.36 32.26 5.06
C ASP B 68 9.00 31.08 4.24
N ASP B 69 9.39 29.90 4.71
CA ASP B 69 9.15 28.67 4.00
C ASP B 69 7.74 28.16 4.19
N LEU B 70 6.92 28.89 4.94
CA LEU B 70 5.48 28.66 4.97
C LEU B 70 4.85 29.07 3.66
N ALA B 71 5.60 29.73 2.80
CA ALA B 71 4.97 30.21 1.57
C ALA B 71 4.48 29.05 0.72
N GLY B 72 3.17 29.06 0.44
CA GLY B 72 2.60 28.02 -0.40
C GLY B 72 2.28 26.71 0.30
N ALA B 73 2.43 26.64 1.62
CA ALA B 73 2.02 25.45 2.40
C ALA B 73 0.53 25.13 2.20
N ASP B 74 0.22 23.86 1.99
CA ASP B 74 -1.17 23.40 2.01
C ASP B 74 -1.62 22.82 3.35
N VAL B 75 -0.67 22.30 4.13
CA VAL B 75 -0.90 21.78 5.46
C VAL B 75 0.22 22.23 6.33
N VAL B 76 -0.15 22.74 7.49
CA VAL B 76 0.84 23.02 8.49
C VAL B 76 0.59 22.32 9.74
N ILE B 77 1.64 21.79 10.28
CA ILE B 77 1.51 21.03 11.48
C ILE B 77 2.36 21.61 12.59
N VAL B 78 1.70 21.91 13.71
CA VAL B 78 2.41 22.66 14.70
C VAL B 78 2.66 21.83 15.98
N THR B 79 3.87 21.27 16.07
CA THR B 79 4.38 20.67 17.30
C THR B 79 5.35 21.56 18.13
N ALA B 80 5.80 22.71 17.65
CA ALA B 80 6.83 23.42 18.44
C ALA B 80 6.27 23.97 19.75
N GLY B 81 7.14 24.07 20.76
CA GLY B 81 6.78 24.72 22.04
C GLY B 81 7.53 24.20 23.25
N PHE B 82 7.64 25.06 24.28
CA PHE B 82 8.15 24.67 25.60
C PHE B 82 7.34 23.51 26.18
N THR B 83 8.05 22.48 26.65
CA THR B 83 7.44 21.35 27.37
C THR B 83 8.05 21.05 28.77
N LYS B 84 9.33 21.34 29.02
CA LYS B 84 9.91 21.03 30.37
C LYS B 84 10.22 22.21 31.32
N ALA B 85 10.37 21.89 32.60
CA ALA B 85 10.65 22.86 33.68
C ALA B 85 11.83 23.78 33.39
N GLU B 92 7.04 21.55 43.62
CA GLU B 92 7.76 21.97 42.42
C GLU B 92 7.15 23.18 41.69
N TRP B 93 7.52 23.30 40.41
CA TRP B 93 7.07 24.36 39.49
C TRP B 93 5.73 24.01 38.89
N ASN B 94 5.12 24.99 38.26
CA ASN B 94 3.79 24.80 37.74
C ASN B 94 3.70 24.71 36.19
N ARG B 95 3.32 23.56 35.63
CA ARG B 95 3.17 23.47 34.17
C ARG B 95 2.39 24.64 33.50
N ASP B 96 1.46 25.24 34.24
CA ASP B 96 0.72 26.43 33.81
C ASP B 96 1.62 27.59 33.38
N ASP B 97 2.84 27.67 33.95
CA ASP B 97 3.82 28.75 33.68
C ASP B 97 4.27 28.81 32.18
N LEU B 98 4.07 27.71 31.46
CA LEU B 98 4.50 27.57 30.08
C LEU B 98 3.52 28.19 29.14
N LEU B 99 2.29 28.41 29.62
CA LEU B 99 1.19 28.90 28.80
C LEU B 99 1.41 30.28 28.13
N PRO B 100 1.84 31.31 28.90
CA PRO B 100 2.10 32.54 28.19
C PRO B 100 3.25 32.39 27.23
N LEU B 101 4.21 31.51 27.52
CA LEU B 101 5.39 31.45 26.62
C LEU B 101 4.95 30.83 25.30
N ASN B 102 4.14 29.78 25.39
CA ASN B 102 3.70 29.11 24.18
C ASN B 102 2.64 29.94 23.50
N ASN B 103 1.92 30.77 24.24
CA ASN B 103 1.10 31.81 23.58
C ASN B 103 1.94 32.69 22.67
N LYS B 104 3.13 33.07 23.13
CA LYS B 104 4.01 33.97 22.35
C LYS B 104 4.48 33.30 21.03
N ILE B 105 4.72 31.99 21.09
CA ILE B 105 5.04 31.22 19.93
C ILE B 105 3.84 31.15 18.96
N MET B 106 2.61 31.03 19.49
CA MET B 106 1.43 30.95 18.62
C MET B 106 1.21 32.27 17.87
N ILE B 107 1.35 33.39 18.57
CA ILE B 107 1.41 34.76 17.99
C ILE B 107 2.31 34.81 16.77
N GLU B 108 3.53 34.35 16.98
CA GLU B 108 4.55 34.39 15.98
C GLU B 108 4.17 33.56 14.80
N ILE B 109 3.93 32.25 15.02
CA ILE B 109 3.46 31.40 13.97
C ILE B 109 2.27 32.00 13.25
N GLY B 110 1.24 32.40 14.02
CA GLY B 110 -0.02 32.92 13.49
C GLY B 110 0.12 34.06 12.51
N GLY B 111 0.95 35.05 12.85
CA GLY B 111 1.16 36.17 11.95
C GLY B 111 1.93 35.82 10.68
N HIS B 112 2.79 34.81 10.80
CA HIS B 112 3.42 34.27 9.60
C HIS B 112 2.49 33.49 8.74
N ILE B 113 1.51 32.80 9.36
CA ILE B 113 0.47 32.09 8.59
C ILE B 113 -0.41 33.15 7.89
N LYS B 114 -0.84 34.16 8.62
CA LYS B 114 -1.47 35.34 7.96
C LYS B 114 -0.71 35.78 6.70
N LYS B 115 0.61 35.92 6.77
CA LYS B 115 1.38 36.38 5.58
C LYS B 115 1.51 35.39 4.43
N ASN B 116 1.76 34.10 4.72
CA ASN B 116 2.24 33.16 3.70
C ASN B 116 1.34 32.00 3.33
N CYS B 117 0.46 31.58 4.21
CA CYS B 117 -0.42 30.49 3.81
C CYS B 117 -1.76 30.54 4.53
N PRO B 118 -2.48 31.65 4.33
CA PRO B 118 -3.81 31.83 4.91
C PRO B 118 -4.80 30.80 4.41
N ASN B 119 -4.50 30.12 3.33
CA ASN B 119 -5.45 29.09 2.93
C ASN B 119 -5.01 27.70 3.38
N ALA B 120 -3.97 27.59 4.20
CA ALA B 120 -3.53 26.22 4.67
C ALA B 120 -4.45 25.55 5.65
N PHE B 121 -4.56 24.22 5.57
CA PHE B 121 -5.12 23.44 6.65
C PHE B 121 -4.13 23.40 7.78
N ILE B 122 -4.58 23.67 9.01
CA ILE B 122 -3.66 23.75 10.15
C ILE B 122 -4.03 22.73 11.19
N ILE B 123 -3.03 22.00 11.64
CA ILE B 123 -3.23 21.02 12.70
C ILE B 123 -2.32 21.35 13.90
N VAL B 124 -2.94 21.52 15.08
CA VAL B 124 -2.16 21.93 16.28
C VAL B 124 -1.97 20.77 17.23
N VAL B 125 -0.74 20.65 17.76
CA VAL B 125 -0.33 19.51 18.62
C VAL B 125 0.20 19.94 20.00
N THR B 126 0.82 21.12 20.06
CA THR B 126 1.40 21.69 21.21
C THR B 126 0.42 21.70 22.40
N ASN B 127 0.86 21.13 23.54
CA ASN B 127 -0.01 21.02 24.71
C ASN B 127 0.00 22.22 25.58
N PRO B 128 -1.14 22.49 26.24
CA PRO B 128 -2.47 21.79 26.11
C PRO B 128 -3.19 22.16 24.80
N VAL B 129 -3.58 21.16 24.03
CA VAL B 129 -3.81 21.38 22.61
C VAL B 129 -5.06 22.21 22.37
N ASP B 130 -6.07 21.94 23.21
CA ASP B 130 -7.38 22.61 23.11
C ASP B 130 -7.25 24.14 23.30
N VAL B 131 -6.33 24.55 24.17
CA VAL B 131 -5.99 25.97 24.31
C VAL B 131 -5.07 26.44 23.15
N MET B 132 -3.99 25.69 22.89
CA MET B 132 -3.08 26.12 21.85
C MET B 132 -3.76 26.36 20.50
N VAL B 133 -4.58 25.40 20.07
CA VAL B 133 -5.31 25.52 18.82
C VAL B 133 -6.17 26.76 18.73
N GLN B 134 -6.91 27.12 19.79
CA GLN B 134 -7.73 28.31 19.73
C GLN B 134 -6.86 29.54 19.64
N LEU B 135 -5.76 29.53 20.36
CA LEU B 135 -4.88 30.74 20.38
C LEU B 135 -4.28 30.98 18.95
N LEU B 136 -3.99 29.88 18.27
CA LEU B 136 -3.45 30.00 16.92
C LEU B 136 -4.54 30.29 15.87
N HIS B 137 -5.69 29.59 15.94
CA HIS B 137 -6.90 30.07 15.24
C HIS B 137 -6.96 31.59 15.31
N GLN B 138 -6.94 32.10 16.51
CA GLN B 138 -7.14 33.52 16.74
C GLN B 138 -6.05 34.43 16.19
N HIS B 139 -4.77 34.04 16.27
CA HIS B 139 -3.72 34.94 15.74
C HIS B 139 -3.42 34.72 14.27
N SER B 140 -3.83 33.59 13.73
CA SER B 140 -3.52 33.27 12.35
C SER B 140 -4.60 33.84 11.42
N GLY B 141 -5.77 34.06 12.01
CA GLY B 141 -6.95 34.43 11.31
C GLY B 141 -7.53 33.43 10.35
N VAL B 142 -7.25 32.13 10.44
CA VAL B 142 -7.71 31.26 9.38
C VAL B 142 -9.15 30.94 9.63
N PRO B 143 -9.87 30.45 8.61
CA PRO B 143 -11.27 30.15 8.97
C PRO B 143 -11.38 28.94 9.93
N LYS B 144 -12.55 28.74 10.53
CA LYS B 144 -12.69 27.84 11.62
C LYS B 144 -12.78 26.38 11.20
N ASN B 145 -13.20 26.10 9.96
CA ASN B 145 -13.16 24.74 9.44
C ASN B 145 -11.74 24.44 8.91
N LYS B 146 -10.78 25.38 9.08
CA LYS B 146 -9.44 25.02 8.57
C LYS B 146 -8.41 24.85 9.64
N ILE B 147 -8.83 24.76 10.90
CA ILE B 147 -7.88 24.52 11.97
C ILE B 147 -8.36 23.55 13.03
N ILE B 148 -7.47 22.67 13.42
CA ILE B 148 -7.85 21.67 14.40
C ILE B 148 -6.74 21.29 15.29
N GLY B 149 -7.09 20.73 16.46
CA GLY B 149 -6.07 20.13 17.33
C GLY B 149 -6.15 18.63 17.29
N LEU B 150 -5.00 18.02 17.46
CA LEU B 150 -4.84 16.62 17.82
C LEU B 150 -5.36 16.39 19.22
N GLY B 151 -6.19 15.37 19.36
CA GLY B 151 -6.69 14.90 20.65
C GLY B 151 -7.15 13.45 20.55
N GLY B 152 -8.41 13.24 20.19
CA GLY B 152 -8.98 11.83 20.22
C GLY B 152 -8.52 10.76 19.29
N VAL B 153 -7.93 11.16 18.18
CA VAL B 153 -7.42 10.13 17.32
C VAL B 153 -6.34 9.41 18.12
N LEU B 154 -5.50 10.16 18.81
CA LEU B 154 -4.42 9.55 19.56
C LEU B 154 -4.98 8.88 20.80
N ASP B 155 -5.78 9.65 21.58
CA ASP B 155 -6.34 9.05 22.78
C ASP B 155 -7.10 7.77 22.50
N THR B 156 -8.01 7.76 21.52
CA THR B 156 -8.80 6.52 21.23
C THR B 156 -8.05 5.41 20.69
N SER B 157 -6.88 5.69 20.10
CA SER B 157 -6.06 4.62 19.62
C SER B 157 -5.52 3.70 20.77
N ARG B 158 -5.17 4.28 21.91
CA ARG B 158 -4.81 3.40 23.04
C ARG B 158 -5.95 2.49 23.41
N LEU B 159 -7.13 3.13 23.58
CA LEU B 159 -8.34 2.50 24.12
C LEU B 159 -8.74 1.36 23.20
N LYS B 160 -8.82 1.73 21.94
CA LYS B 160 -9.01 0.76 20.86
C LYS B 160 -8.03 -0.41 20.95
N TYR B 161 -6.73 -0.07 21.06
CA TYR B 161 -5.69 -1.06 21.09
C TYR B 161 -5.79 -1.99 22.29
N TYR B 162 -5.90 -1.39 23.47
CA TYR B 162 -6.04 -2.15 24.72
C TYR B 162 -7.21 -3.10 24.73
N ILE B 163 -8.37 -2.59 24.30
CA ILE B 163 -9.48 -3.49 24.17
C ILE B 163 -9.27 -4.62 23.13
N SER B 164 -8.68 -4.28 21.96
CA SER B 164 -8.57 -5.32 20.97
C SER B 164 -7.76 -6.48 21.47
N GLN B 165 -6.76 -6.13 22.30
CA GLN B 165 -5.86 -7.12 22.93
C GLN B 165 -6.56 -8.09 23.87
N LYS B 166 -7.46 -7.56 24.73
CA LYS B 166 -8.26 -8.38 25.58
C LYS B 166 -9.13 -9.24 24.72
N LEU B 167 -9.75 -8.66 23.70
CA LEU B 167 -10.77 -9.44 22.94
C LEU B 167 -10.25 -10.30 21.81
N ASN B 168 -8.94 -10.28 21.57
CA ASN B 168 -8.37 -11.01 20.46
C ASN B 168 -8.97 -10.63 19.11
N VAL B 169 -8.91 -9.34 18.77
CA VAL B 169 -9.48 -8.91 17.50
C VAL B 169 -8.56 -7.85 16.91
N CYS B 170 -8.69 -7.65 15.61
CA CYS B 170 -7.96 -6.61 14.94
C CYS B 170 -8.13 -5.27 15.66
N PRO B 171 -7.06 -4.61 16.07
CA PRO B 171 -7.12 -3.29 16.78
C PRO B 171 -8.16 -2.31 16.20
N ARG B 172 -8.12 -2.18 14.88
CA ARG B 172 -8.90 -1.20 14.14
C ARG B 172 -10.45 -1.49 14.20
N ASP B 173 -10.79 -2.76 14.43
CA ASP B 173 -12.14 -3.17 14.48
C ASP B 173 -12.78 -2.71 15.81
N VAL B 174 -12.02 -2.13 16.72
CA VAL B 174 -12.65 -1.57 17.90
C VAL B 174 -12.79 -0.09 17.64
N ASN B 175 -13.98 0.44 17.92
CA ASN B 175 -14.21 1.81 17.71
C ASN B 175 -14.66 2.26 19.05
N ALA B 176 -14.36 3.53 19.39
CA ALA B 176 -14.52 3.97 20.77
C ALA B 176 -14.39 5.51 20.68
N HIS B 177 -15.03 6.24 21.57
CA HIS B 177 -14.95 7.69 21.45
C HIS B 177 -14.41 8.36 22.69
N ILE B 178 -13.53 9.33 22.54
CA ILE B 178 -12.99 10.07 23.70
C ILE B 178 -13.08 11.54 23.37
N VAL B 179 -13.84 12.28 24.18
CA VAL B 179 -14.23 13.66 23.82
C VAL B 179 -13.83 14.69 24.82
N GLY B 180 -14.00 15.96 24.48
CA GLY B 180 -13.91 16.98 25.47
C GLY B 180 -12.65 17.77 25.40
N ALA B 181 -11.59 17.20 25.96
CA ALA B 181 -10.27 17.76 25.91
C ALA B 181 -9.31 16.60 25.82
N HIS B 182 -8.14 16.88 25.25
CA HIS B 182 -7.03 15.99 25.29
C HIS B 182 -6.40 16.15 26.65
N GLY B 183 -5.91 15.06 27.23
CA GLY B 183 -5.24 15.18 28.54
C GLY B 183 -6.11 14.65 29.66
N ASN B 184 -5.80 15.09 30.86
CA ASN B 184 -6.35 14.68 32.12
C ASN B 184 -7.86 14.53 32.18
N LYS B 185 -8.55 15.55 31.68
CA LYS B 185 -10.00 15.52 31.79
C LYS B 185 -10.70 14.96 30.58
N MET B 186 -9.94 14.32 29.70
CA MET B 186 -10.56 13.57 28.57
C MET B 186 -11.82 12.78 28.99
N VAL B 187 -12.85 12.80 28.15
CA VAL B 187 -14.06 12.02 28.45
C VAL B 187 -14.14 10.69 27.73
N LEU B 188 -13.97 9.60 28.46
CA LEU B 188 -14.09 8.23 27.89
C LEU B 188 -15.55 7.77 27.85
N LEU B 189 -16.09 7.59 26.65
CA LEU B 189 -17.50 7.31 26.57
C LEU B 189 -17.72 5.84 26.47
N LYS B 190 -17.96 5.15 27.57
CA LYS B 190 -18.18 3.68 27.54
C LYS B 190 -19.38 3.21 26.69
N ARG B 191 -20.40 4.06 26.60
CA ARG B 191 -21.61 3.68 25.88
C ARG B 191 -21.36 3.69 24.37
N TYR B 192 -20.22 4.21 23.93
CA TYR B 192 -20.01 4.47 22.51
C TYR B 192 -18.93 3.54 21.98
N ILE B 193 -18.67 2.43 22.67
CA ILE B 193 -17.60 1.56 22.28
C ILE B 193 -18.28 0.42 21.57
N THR B 194 -17.66 -0.05 20.48
CA THR B 194 -18.13 -1.14 19.68
C THR B 194 -16.92 -1.92 19.16
N VAL B 195 -17.13 -3.23 18.93
CA VAL B 195 -16.15 -4.14 18.43
C VAL B 195 -16.79 -4.82 17.24
N GLY B 196 -16.11 -4.86 16.08
CA GLY B 196 -16.80 -5.10 14.80
C GLY B 196 -18.21 -4.47 14.67
N GLY B 197 -18.39 -3.16 14.99
CA GLY B 197 -19.71 -2.52 14.82
C GLY B 197 -20.71 -2.89 15.97
N ILE B 198 -20.32 -3.85 16.85
CA ILE B 198 -21.20 -4.46 17.88
C ILE B 198 -21.00 -3.85 19.28
N PRO B 199 -22.08 -3.40 20.00
CA PRO B 199 -21.80 -2.72 21.25
C PRO B 199 -21.02 -3.61 22.20
N LEU B 200 -20.10 -2.99 22.93
CA LEU B 200 -19.20 -3.70 23.86
C LEU B 200 -19.99 -4.51 24.85
N GLN B 201 -21.14 -3.91 25.28
CA GLN B 201 -21.99 -4.49 26.32
C GLN B 201 -22.29 -5.95 26.00
N GLU B 202 -22.40 -6.27 24.71
CA GLU B 202 -22.68 -7.65 24.33
C GLU B 202 -21.52 -8.58 24.73
N PHE B 203 -20.30 -8.05 24.67
CA PHE B 203 -19.13 -8.83 25.04
C PHE B 203 -18.96 -8.89 26.58
N ILE B 204 -19.39 -7.84 27.26
CA ILE B 204 -19.46 -7.88 28.74
C ILE B 204 -20.46 -8.89 29.25
N ASN B 205 -21.60 -8.97 28.59
CA ASN B 205 -22.67 -9.91 28.96
C ASN B 205 -22.25 -11.34 28.69
N ASN B 206 -21.45 -11.54 27.65
CA ASN B 206 -20.88 -12.85 27.36
C ASN B 206 -19.69 -13.23 28.23
N LYS B 207 -19.25 -12.28 29.07
CA LYS B 207 -18.03 -12.35 29.91
C LYS B 207 -16.76 -12.63 29.11
N LEU B 208 -16.61 -11.93 28.00
CA LEU B 208 -15.37 -12.01 27.24
C LEU B 208 -14.52 -10.93 27.82
N ILE B 209 -15.14 -10.07 28.59
CA ILE B 209 -14.42 -8.96 29.26
C ILE B 209 -15.36 -8.41 30.37
N SER B 210 -14.77 -7.97 31.49
CA SER B 210 -15.57 -7.60 32.66
C SER B 210 -15.59 -6.08 32.82
N ASP B 211 -16.50 -5.58 33.64
CA ASP B 211 -16.62 -4.14 33.88
C ASP B 211 -15.40 -3.52 34.58
N ALA B 212 -14.74 -4.30 35.43
CA ALA B 212 -13.57 -3.81 36.14
C ALA B 212 -12.33 -3.91 35.23
N GLU B 213 -12.23 -4.95 34.41
CA GLU B 213 -11.19 -4.98 33.36
C GLU B 213 -11.29 -3.71 32.51
N LEU B 214 -12.52 -3.31 32.17
CA LEU B 214 -12.66 -2.15 31.29
C LEU B 214 -12.22 -0.85 31.97
N GLU B 215 -12.55 -0.76 33.24
CA GLU B 215 -12.13 0.32 34.11
C GLU B 215 -10.62 0.49 34.21
N ALA B 216 -9.93 -0.61 34.38
CA ALA B 216 -8.46 -0.64 34.34
C ALA B 216 -7.92 -0.08 32.97
N ILE B 217 -8.50 -0.58 31.88
CA ILE B 217 -8.20 -0.10 30.51
C ILE B 217 -8.41 1.42 30.43
N PHE B 218 -9.45 1.96 31.10
CA PHE B 218 -9.78 3.39 30.98
C PHE B 218 -8.71 4.21 31.64
N ASP B 219 -8.40 3.86 32.89
CA ASP B 219 -7.29 4.50 33.63
C ASP B 219 -5.96 4.37 32.85
N ARG B 220 -5.71 3.17 32.34
CA ARG B 220 -4.52 3.03 31.48
C ARG B 220 -4.48 4.01 30.27
N THR B 221 -5.65 4.29 29.67
CA THR B 221 -5.70 5.13 28.48
C THR B 221 -5.41 6.56 28.95
N VAL B 222 -6.01 6.99 30.04
CA VAL B 222 -5.82 8.36 30.49
C VAL B 222 -4.37 8.58 30.88
N ASN B 223 -3.73 7.57 31.45
CA ASN B 223 -2.36 7.77 31.88
C ASN B 223 -1.31 7.23 30.97
N THR B 224 -1.65 7.01 29.70
CA THR B 224 -0.64 6.37 28.79
C THR B 224 0.62 7.22 28.59
N ALA B 225 0.45 8.52 28.41
CA ALA B 225 1.60 9.37 28.23
C ALA B 225 2.55 9.23 29.43
N LEU B 226 1.98 9.38 30.62
CA LEU B 226 2.73 9.22 31.86
C LEU B 226 3.40 7.89 31.97
N GLU B 227 2.68 6.78 31.67
CA GLU B 227 3.27 5.48 31.70
C GLU B 227 4.55 5.47 30.81
N ILE B 228 4.45 6.04 29.63
CA ILE B 228 5.55 5.87 28.65
C ILE B 228 6.74 6.68 29.15
N VAL B 229 6.47 7.90 29.59
CA VAL B 229 7.53 8.70 30.18
C VAL B 229 8.14 7.91 31.36
N ASN B 230 7.35 7.46 32.29
CA ASN B 230 7.90 6.61 33.37
C ASN B 230 8.83 5.50 32.87
N LEU B 231 8.58 4.99 31.68
CA LEU B 231 9.35 3.87 31.20
C LEU B 231 10.63 4.36 30.56
N HIS B 232 10.92 5.64 30.71
CA HIS B 232 12.11 6.18 30.08
C HIS B 232 11.95 6.16 28.59
N ALA B 233 10.77 6.56 28.14
CA ALA B 233 10.60 6.87 26.75
C ALA B 233 9.88 8.24 26.65
N SER B 234 9.24 8.51 25.51
CA SER B 234 8.27 9.61 25.42
C SER B 234 7.45 9.44 24.12
N PRO B 235 6.12 9.60 24.21
CA PRO B 235 5.28 9.32 23.06
C PRO B 235 5.58 10.18 21.87
N TYR B 236 5.99 9.57 20.77
CA TYR B 236 6.03 10.32 19.51
C TYR B 236 5.62 9.55 18.29
N VAL B 237 5.79 8.23 18.30
CA VAL B 237 5.36 7.40 17.17
C VAL B 237 3.84 7.50 16.88
N ALA B 238 3.03 7.07 17.85
CA ALA B 238 1.57 7.21 17.79
C ALA B 238 1.07 8.60 17.56
N PRO B 239 1.57 9.58 18.31
CA PRO B 239 1.10 10.93 17.93
C PRO B 239 1.35 11.31 16.49
N ALA B 240 2.57 11.05 15.98
CA ALA B 240 2.84 11.29 14.59
C ALA B 240 1.85 10.57 13.74
N ALA B 241 1.67 9.23 13.92
CA ALA B 241 0.86 8.52 13.00
C ALA B 241 -0.57 9.10 13.04
N ALA B 242 -1.05 9.47 14.25
CA ALA B 242 -2.44 9.81 14.34
C ALA B 242 -2.65 11.13 13.54
N ILE B 243 -1.68 12.08 13.66
CA ILE B 243 -1.68 13.32 12.90
C ILE B 243 -1.61 13.11 11.38
N ILE B 244 -0.73 12.25 10.94
CA ILE B 244 -0.72 11.90 9.51
C ILE B 244 -2.08 11.26 9.05
N GLU B 245 -2.74 10.44 9.89
CA GLU B 245 -4.15 10.07 9.57
C GLU B 245 -5.11 11.28 9.32
N MET B 246 -5.02 12.27 10.18
CA MET B 246 -5.74 13.50 9.97
C MET B 246 -5.38 14.20 8.68
N ALA B 247 -4.06 14.38 8.44
CA ALA B 247 -3.65 15.19 7.33
C ALA B 247 -3.92 14.50 6.05
N GLU B 248 -4.03 13.18 6.07
CA GLU B 248 -4.24 12.39 4.91
C GLU B 248 -5.73 12.23 4.53
N SER B 249 -6.61 12.23 5.52
CA SER B 249 -8.03 12.29 5.27
C SER B 249 -8.33 13.66 4.62
N TYR B 250 -7.63 14.73 5.04
CA TYR B 250 -7.81 16.00 4.39
C TYR B 250 -7.22 16.04 2.97
N LEU B 251 -5.95 15.64 2.83
CA LEU B 251 -5.25 15.74 1.54
C LEU B 251 -5.90 14.89 0.46
N LYS B 252 -6.31 13.66 0.81
CA LYS B 252 -7.02 12.77 -0.11
C LYS B 252 -8.57 12.87 -0.07
N ASP B 253 -9.10 13.88 0.61
CA ASP B 253 -10.57 14.02 0.69
C ASP B 253 -11.18 12.63 1.00
N LEU B 254 -10.77 11.98 2.10
CA LEU B 254 -11.38 10.65 2.38
C LEU B 254 -12.73 10.82 3.18
N LYS B 255 -12.97 12.00 3.76
CA LYS B 255 -14.13 12.20 4.74
C LYS B 255 -14.30 11.05 5.76
N LYS B 256 -13.20 10.77 6.45
CA LYS B 256 -13.18 9.86 7.54
C LYS B 256 -13.83 10.59 8.69
N VAL B 257 -14.44 9.84 9.57
CA VAL B 257 -14.86 10.46 10.83
C VAL B 257 -13.76 10.16 11.91
N LEU B 258 -13.24 11.27 12.44
CA LEU B 258 -12.10 11.33 13.32
C LEU B 258 -12.40 12.34 14.43
N ILE B 259 -12.23 11.91 15.67
CA ILE B 259 -12.33 12.88 16.73
C ILE B 259 -11.18 13.90 16.85
N CYS B 260 -11.48 15.21 16.81
CA CYS B 260 -10.39 16.14 16.94
C CYS B 260 -10.85 17.37 17.68
N SER B 261 -9.92 18.24 17.99
CA SER B 261 -10.31 19.44 18.68
C SER B 261 -10.75 20.51 17.66
N THR B 262 -11.97 21.05 17.81
CA THR B 262 -12.52 22.00 16.85
C THR B 262 -13.33 23.06 17.56
N LEU B 263 -13.64 24.17 16.88
CA LEU B 263 -14.33 25.26 17.56
C LEU B 263 -15.76 24.79 17.84
N LEU B 264 -16.19 24.90 19.09
CA LEU B 264 -17.59 24.67 19.46
C LEU B 264 -18.44 25.93 19.20
N GLU B 265 -19.52 25.76 18.42
CA GLU B 265 -20.46 26.85 18.12
C GLU B 265 -21.86 26.54 18.68
N GLY B 266 -21.92 26.29 19.98
CA GLY B 266 -23.17 25.88 20.63
C GLY B 266 -23.26 24.38 20.92
N GLN B 267 -22.52 23.55 20.20
CA GLN B 267 -22.66 22.05 20.43
C GLN B 267 -22.34 21.73 21.90
N TYR B 268 -23.03 20.75 22.48
CA TYR B 268 -22.77 20.33 23.88
C TYR B 268 -23.12 21.47 24.85
N GLY B 269 -23.71 22.51 24.28
CA GLY B 269 -24.01 23.74 24.98
C GLY B 269 -22.83 24.68 25.17
N HIS B 270 -21.77 24.57 24.37
CA HIS B 270 -20.61 25.47 24.55
C HIS B 270 -20.25 26.25 23.35
N SER B 271 -19.73 27.46 23.59
CA SER B 271 -19.34 28.37 22.53
C SER B 271 -17.96 29.00 22.77
N ASP B 272 -17.29 29.48 21.71
CA ASP B 272 -16.09 30.37 21.83
C ASP B 272 -14.94 29.63 22.50
N ILE B 273 -14.99 28.31 22.37
CA ILE B 273 -14.00 27.43 22.94
C ILE B 273 -13.76 26.27 21.99
N PHE B 274 -12.56 25.66 22.04
CA PHE B 274 -12.33 24.44 21.24
C PHE B 274 -12.54 23.20 22.05
N GLY B 275 -12.96 22.09 21.44
CA GLY B 275 -13.03 20.90 22.25
C GLY B 275 -13.19 19.65 21.45
N GLY B 276 -12.94 18.52 22.08
CA GLY B 276 -12.75 17.29 21.32
C GLY B 276 -14.10 16.80 20.95
N THR B 277 -14.40 16.69 19.67
CA THR B 277 -15.56 15.89 19.18
C THR B 277 -15.34 15.25 17.79
N PRO B 278 -16.15 14.23 17.46
CA PRO B 278 -15.95 13.75 16.10
C PRO B 278 -16.29 14.80 15.02
N VAL B 279 -15.45 14.87 14.00
CA VAL B 279 -15.72 15.66 12.82
C VAL B 279 -15.51 14.85 11.60
N VAL B 280 -15.88 15.37 10.42
CA VAL B 280 -15.64 14.65 9.20
C VAL B 280 -14.63 15.50 8.52
N LEU B 281 -13.47 14.91 8.23
CA LEU B 281 -12.39 15.54 7.48
C LEU B 281 -12.26 15.24 6.01
N GLY B 282 -12.24 16.31 5.22
CA GLY B 282 -12.10 16.14 3.76
C GLY B 282 -11.55 17.39 3.15
N ALA B 283 -11.69 17.48 1.84
CA ALA B 283 -11.03 18.47 1.04
C ALA B 283 -11.33 19.90 1.50
N ASN B 284 -12.51 20.12 2.08
CA ASN B 284 -12.95 21.42 2.60
C ASN B 284 -12.60 21.58 4.06
N GLY B 285 -11.63 20.81 4.56
CA GLY B 285 -11.26 20.87 5.98
C GLY B 285 -12.28 20.16 6.82
N VAL B 286 -12.66 20.81 7.92
CA VAL B 286 -13.76 20.29 8.77
C VAL B 286 -15.09 20.34 8.01
N GLU B 287 -15.62 19.19 7.56
CA GLU B 287 -16.83 19.22 6.71
C GLU B 287 -18.14 19.14 7.48
N GLN B 288 -18.09 18.56 8.67
CA GLN B 288 -19.27 18.42 9.58
C GLN B 288 -18.65 18.18 10.96
N VAL B 289 -19.40 18.55 11.97
CA VAL B 289 -18.97 18.47 13.38
C VAL B 289 -20.07 17.62 13.87
N ILE B 290 -19.76 16.39 14.31
CA ILE B 290 -20.80 15.53 14.84
C ILE B 290 -20.94 15.72 16.36
N GLU B 291 -22.14 16.02 16.83
CA GLU B 291 -22.39 16.27 18.26
C GLU B 291 -23.07 15.03 18.79
N LEU B 292 -22.39 14.33 19.72
CA LEU B 292 -22.89 13.04 20.20
C LEU B 292 -24.06 13.39 21.12
N GLN B 293 -25.04 12.51 21.21
CA GLN B 293 -26.27 12.75 21.98
C GLN B 293 -26.05 12.26 23.44
N LEU B 294 -25.34 13.09 24.23
CA LEU B 294 -24.84 12.73 25.55
C LEU B 294 -25.95 12.72 26.61
N ASN B 295 -25.90 11.75 27.55
CA ASN B 295 -26.77 11.81 28.70
C ASN B 295 -26.20 12.78 29.72
N SER B 296 -26.90 12.95 30.83
CA SER B 296 -26.54 13.95 31.78
C SER B 296 -25.17 13.73 32.48
N GLU B 297 -24.76 12.52 32.73
CA GLU B 297 -23.43 12.37 33.37
C GLU B 297 -22.25 12.58 32.37
N GLU B 298 -22.44 12.15 31.12
CA GLU B 298 -21.41 12.31 30.10
C GLU B 298 -21.24 13.81 29.90
N LYS B 299 -22.34 14.52 29.92
CA LYS B 299 -22.34 15.94 29.75
C LYS B 299 -21.68 16.66 30.93
N ALA B 300 -21.77 16.10 32.13
CA ALA B 300 -21.07 16.70 33.32
C ALA B 300 -19.55 16.55 33.14
N LYS B 301 -19.12 15.41 32.65
CA LYS B 301 -17.68 15.24 32.27
C LYS B 301 -17.20 16.13 31.13
N PHE B 302 -18.01 16.28 30.08
CA PHE B 302 -17.67 17.23 29.00
C PHE B 302 -17.41 18.63 29.57
N ASP B 303 -18.32 19.06 30.43
CA ASP B 303 -18.30 20.37 30.99
C ASP B 303 -17.08 20.59 31.83
N GLU B 304 -16.67 19.56 32.58
CA GLU B 304 -15.47 19.72 33.36
C GLU B 304 -14.26 19.85 32.44
N ALA B 305 -14.24 19.02 31.39
CA ALA B 305 -13.15 19.16 30.40
C ALA B 305 -13.11 20.56 29.88
N ILE B 306 -14.27 21.15 29.57
CA ILE B 306 -14.26 22.48 28.93
C ILE B 306 -13.79 23.53 29.90
N ALA B 307 -14.28 23.46 31.14
CA ALA B 307 -13.93 24.40 32.16
C ALA B 307 -12.40 24.32 32.39
N GLU B 308 -11.81 23.15 32.34
CA GLU B 308 -10.35 23.10 32.39
C GLU B 308 -9.64 23.83 31.23
N THR B 309 -10.12 23.70 30.00
CA THR B 309 -9.54 24.41 28.86
C THR B 309 -9.67 25.93 29.03
N LYS B 310 -10.79 26.32 29.62
CA LYS B 310 -11.12 27.69 29.84
C LYS B 310 -10.21 28.24 30.88
N ARG B 311 -10.00 27.48 31.96
CA ARG B 311 -9.18 27.94 33.05
C ARG B 311 -7.75 28.12 32.51
N MET B 312 -7.23 27.13 31.78
CA MET B 312 -5.94 27.39 31.16
C MET B 312 -5.94 28.54 30.16
N LYS B 313 -7.02 28.68 29.39
CA LYS B 313 -7.05 29.72 28.37
C LYS B 313 -6.91 31.13 28.96
N ALA B 314 -7.48 31.33 30.14
CA ALA B 314 -7.50 32.59 30.84
C ALA B 314 -6.12 33.03 31.34
N LEU B 315 -5.18 32.08 31.39
CA LEU B 315 -3.85 32.29 31.89
C LEU B 315 -2.84 32.50 30.76
N ALA B 316 -3.30 32.14 29.55
CA ALA B 316 -2.50 32.26 28.30
C ALA B 316 -1.97 33.67 28.06
N ALA C 2 -12.17 18.30 -4.53
CA ALA C 2 -12.06 18.38 -6.02
C ALA C 2 -10.92 19.31 -6.50
N PRO C 3 -9.64 18.84 -6.51
CA PRO C 3 -9.07 17.48 -6.32
C PRO C 3 -9.80 16.76 -5.16
N LYS C 4 -10.44 15.62 -5.38
CA LYS C 4 -9.98 14.56 -6.24
C LYS C 4 -9.84 14.76 -7.72
N ALA C 5 -8.90 14.05 -8.27
CA ALA C 5 -8.75 13.89 -9.69
C ALA C 5 -10.04 13.25 -10.21
N LYS C 6 -10.37 13.55 -11.46
CA LYS C 6 -11.49 12.94 -12.14
C LYS C 6 -10.86 12.29 -13.35
N ILE C 7 -11.08 10.99 -13.48
CA ILE C 7 -10.49 10.22 -14.50
C ILE C 7 -11.66 9.69 -15.33
N VAL C 8 -11.67 9.93 -16.63
CA VAL C 8 -12.71 9.41 -17.53
C VAL C 8 -12.16 8.29 -18.40
N LEU C 9 -12.75 7.11 -18.26
CA LEU C 9 -12.41 5.98 -19.08
C LEU C 9 -13.35 6.03 -20.29
N VAL C 10 -12.81 6.36 -21.46
CA VAL C 10 -13.61 6.41 -22.72
C VAL C 10 -13.58 5.03 -23.35
N GLY C 11 -14.61 4.24 -23.08
CA GLY C 11 -14.53 2.77 -23.37
C GLY C 11 -14.64 1.98 -22.06
N SER C 12 -15.74 1.31 -21.89
CA SER C 12 -15.96 0.65 -20.63
C SER C 12 -15.95 -0.87 -20.88
N GLY C 13 -15.07 -1.34 -21.77
CA GLY C 13 -14.94 -2.80 -22.02
C GLY C 13 -14.08 -3.48 -20.93
N MET C 14 -13.44 -4.61 -21.24
CA MET C 14 -12.66 -5.37 -20.23
C MET C 14 -11.51 -4.54 -19.65
N ILE C 15 -10.77 -3.84 -20.47
CA ILE C 15 -9.66 -3.09 -19.92
C ILE C 15 -10.18 -1.98 -18.98
N GLY C 16 -11.25 -1.32 -19.40
CA GLY C 16 -11.83 -0.18 -18.66
C GLY C 16 -12.29 -0.67 -17.30
N GLY C 17 -12.85 -1.88 -17.29
CA GLY C 17 -13.29 -2.55 -16.10
C GLY C 17 -12.20 -2.79 -15.08
N VAL C 18 -11.06 -3.34 -15.51
CA VAL C 18 -9.95 -3.60 -14.59
C VAL C 18 -9.38 -2.22 -14.17
N MET C 19 -9.29 -1.28 -15.09
CA MET C 19 -8.77 0.08 -14.70
C MET C 19 -9.55 0.73 -13.58
N ALA C 20 -10.90 0.64 -13.68
CA ALA C 20 -11.73 1.31 -12.67
C ALA C 20 -11.44 0.67 -11.32
N THR C 21 -11.44 -0.64 -11.28
CA THR C 21 -11.05 -1.36 -10.09
C THR C 21 -9.72 -0.98 -9.47
N LEU C 22 -8.68 -0.86 -10.28
CA LEU C 22 -7.37 -0.53 -9.80
C LEU C 22 -7.37 0.92 -9.29
N ILE C 23 -8.21 1.77 -9.90
CA ILE C 23 -8.17 3.20 -9.53
C ILE C 23 -8.78 3.31 -8.11
N VAL C 24 -9.70 2.39 -7.82
CA VAL C 24 -10.39 2.41 -6.52
C VAL C 24 -9.44 1.82 -5.48
N GLN C 25 -8.81 0.68 -5.83
CA GLN C 25 -7.85 0.06 -4.92
C GLN C 25 -6.86 1.14 -4.54
N LYS C 26 -6.49 1.99 -5.48
CA LYS C 26 -5.37 2.83 -5.19
C LYS C 26 -5.79 4.22 -4.79
N ASN C 27 -7.08 4.40 -4.50
CA ASN C 27 -7.69 5.68 -4.22
C ASN C 27 -7.32 6.81 -5.21
N LEU C 28 -7.16 6.54 -6.52
CA LEU C 28 -6.62 7.60 -7.40
C LEU C 28 -7.51 8.76 -7.76
N GLY C 29 -8.81 8.53 -7.88
CA GLY C 29 -9.69 9.66 -8.06
C GLY C 29 -11.06 9.18 -8.44
N ASP C 30 -11.92 10.14 -8.70
CA ASP C 30 -13.25 9.79 -9.21
C ASP C 30 -13.08 9.21 -10.66
N VAL C 31 -13.93 8.23 -10.98
CA VAL C 31 -13.93 7.42 -12.21
C VAL C 31 -15.26 7.56 -12.90
N VAL C 32 -15.25 7.84 -14.19
CA VAL C 32 -16.45 7.78 -15.03
C VAL C 32 -16.09 6.74 -16.06
N LEU C 33 -16.93 5.72 -16.13
CA LEU C 33 -16.88 4.69 -17.12
C LEU C 33 -17.77 5.18 -18.25
N PHE C 34 -17.21 5.49 -19.39
CA PHE C 34 -18.06 5.95 -20.46
C PHE C 34 -18.12 4.97 -21.57
N ASP C 35 -19.24 4.90 -22.26
CA ASP C 35 -19.37 4.04 -23.44
C ASP C 35 -20.66 4.37 -24.17
N ILE C 36 -20.69 4.11 -25.47
CA ILE C 36 -21.94 4.34 -26.18
C ILE C 36 -22.93 3.20 -25.96
N VAL C 37 -22.45 2.05 -25.49
CA VAL C 37 -23.32 0.92 -25.26
C VAL C 37 -24.14 1.29 -24.03
N LYS C 38 -25.47 1.11 -24.07
CA LYS C 38 -26.35 1.62 -23.00
C LYS C 38 -26.29 0.76 -21.76
N ASN C 39 -26.46 1.37 -20.57
CA ASN C 39 -26.63 0.60 -19.28
C ASN C 39 -25.39 -0.17 -18.71
N MET C 40 -24.65 -0.88 -19.55
CA MET C 40 -23.51 -1.69 -19.08
C MET C 40 -22.49 -0.84 -18.26
N PRO C 41 -22.13 0.38 -18.71
CA PRO C 41 -21.21 1.16 -17.86
C PRO C 41 -21.79 1.49 -16.49
N HIS C 42 -23.09 1.80 -16.44
CA HIS C 42 -23.73 2.03 -15.16
C HIS C 42 -23.67 0.81 -14.28
N GLY C 43 -23.91 -0.39 -14.84
CA GLY C 43 -23.83 -1.62 -14.05
C GLY C 43 -22.43 -1.93 -13.48
N LYS C 44 -21.42 -1.87 -14.36
CA LYS C 44 -20.03 -2.00 -14.00
C LYS C 44 -19.65 -0.96 -12.98
N ALA C 45 -20.05 0.28 -13.17
CA ALA C 45 -19.61 1.31 -12.24
C ALA C 45 -20.30 1.02 -10.90
N LEU C 46 -21.54 0.50 -10.93
CA LEU C 46 -22.19 0.23 -9.65
C LEU C 46 -21.52 -0.96 -8.86
N ASP C 47 -21.16 -2.01 -9.56
CA ASP C 47 -20.41 -3.12 -8.95
C ASP C 47 -19.05 -2.62 -8.42
N THR C 48 -18.40 -1.75 -9.19
CA THR C 48 -17.06 -1.32 -8.77
C THR C 48 -17.12 -0.39 -7.56
N SER C 49 -18.18 0.42 -7.48
CA SER C 49 -18.33 1.40 -6.36
C SER C 49 -18.29 0.80 -4.95
N HIS C 50 -18.88 -0.38 -4.82
CA HIS C 50 -18.88 -1.16 -3.59
C HIS C 50 -17.54 -1.52 -3.07
N THR C 51 -16.56 -1.72 -3.95
CA THR C 51 -15.23 -2.01 -3.49
C THR C 51 -14.64 -0.84 -2.72
N ASN C 52 -15.18 0.37 -2.80
CA ASN C 52 -14.56 1.39 -1.89
C ASN C 52 -14.52 0.91 -0.43
N VAL C 53 -15.41 0.01 -0.08
CA VAL C 53 -15.54 -0.32 1.34
C VAL C 53 -14.39 -1.28 1.71
N MET C 54 -14.27 -2.36 0.97
CA MET C 54 -13.11 -3.24 1.02
C MET C 54 -11.77 -2.54 0.93
N ALA C 55 -11.64 -1.50 0.09
CA ALA C 55 -10.35 -0.85 -0.18
C ALA C 55 -10.04 0.25 0.78
N TYR C 56 -10.99 0.63 1.62
CA TYR C 56 -10.82 1.81 2.44
C TYR C 56 -10.62 3.10 1.58
N SER C 57 -11.25 3.13 0.41
CA SER C 57 -11.15 4.26 -0.49
C SER C 57 -12.36 5.15 -0.49
N ASN C 58 -12.23 6.34 -1.08
CA ASN C 58 -13.37 7.13 -1.35
C ASN C 58 -13.38 7.74 -2.77
N CYS C 59 -13.54 6.86 -3.74
CA CYS C 59 -13.74 7.29 -5.11
C CYS C 59 -15.15 7.07 -5.63
N LYS C 60 -15.75 8.12 -6.21
CA LYS C 60 -17.06 7.97 -6.95
C LYS C 60 -16.80 7.13 -8.18
N VAL C 61 -17.68 6.18 -8.46
CA VAL C 61 -17.61 5.48 -9.70
C VAL C 61 -18.97 5.50 -10.40
N SER C 62 -18.97 6.16 -11.54
CA SER C 62 -20.14 6.50 -12.37
C SER C 62 -20.11 5.86 -13.74
N GLY C 63 -21.29 5.54 -14.25
CA GLY C 63 -21.43 5.20 -15.66
C GLY C 63 -21.85 6.42 -16.46
N SER C 64 -21.58 6.37 -17.76
CA SER C 64 -22.05 7.43 -18.61
C SER C 64 -22.16 7.08 -20.04
N ASN C 65 -23.18 7.66 -20.70
CA ASN C 65 -23.31 7.51 -22.11
C ASN C 65 -23.22 8.87 -22.80
N THR C 66 -22.69 9.90 -22.14
CA THR C 66 -22.57 11.18 -22.86
C THR C 66 -21.19 11.77 -22.67
N TYR C 67 -20.61 12.23 -23.78
CA TYR C 67 -19.28 12.86 -23.78
C TYR C 67 -19.28 14.13 -22.95
N ASP C 68 -20.45 14.52 -22.50
CA ASP C 68 -20.57 15.67 -21.61
C ASP C 68 -19.88 15.42 -20.29
N ASP C 69 -19.71 14.15 -19.95
CA ASP C 69 -19.09 13.82 -18.65
C ASP C 69 -17.58 13.95 -18.63
N LEU C 70 -17.02 14.31 -19.80
CA LEU C 70 -15.61 14.82 -19.89
C LEU C 70 -15.44 16.18 -19.24
N ALA C 71 -16.52 16.84 -18.87
CA ALA C 71 -16.34 18.15 -18.29
C ALA C 71 -15.54 18.03 -16.98
N GLY C 72 -14.44 18.79 -16.89
CA GLY C 72 -13.52 18.76 -15.75
C GLY C 72 -12.68 17.50 -15.57
N ALA C 73 -12.52 16.67 -16.60
CA ALA C 73 -11.70 15.46 -16.42
C ALA C 73 -10.25 15.91 -16.20
N ASP C 74 -9.49 15.21 -15.35
CA ASP C 74 -8.05 15.48 -15.24
C ASP C 74 -7.23 14.57 -16.12
N VAL C 75 -7.76 13.35 -16.30
CA VAL C 75 -7.12 12.35 -17.12
C VAL C 75 -8.21 11.66 -17.95
N VAL C 76 -7.92 11.41 -19.23
CA VAL C 76 -8.85 10.65 -20.07
C VAL C 76 -8.13 9.48 -20.63
N ILE C 77 -8.75 8.33 -20.64
CA ILE C 77 -8.04 7.19 -21.14
C ILE C 77 -8.90 6.55 -22.19
N VAL C 78 -8.34 6.37 -23.38
CA VAL C 78 -9.18 6.03 -24.48
C VAL C 78 -8.92 4.64 -24.90
N THR C 79 -9.85 3.76 -24.58
CA THR C 79 -9.84 2.34 -25.04
C THR C 79 -10.91 1.94 -26.02
N ALA C 80 -11.81 2.85 -26.36
CA ALA C 80 -12.91 2.54 -27.21
C ALA C 80 -12.36 2.44 -28.63
N GLY C 81 -12.99 1.60 -29.45
CA GLY C 81 -12.62 1.48 -30.86
C GLY C 81 -12.95 0.06 -31.31
N PHE C 82 -12.88 -0.13 -32.62
CA PHE C 82 -13.16 -1.34 -33.33
C PHE C 82 -11.86 -2.12 -33.39
N THR C 83 -11.95 -3.38 -33.08
CA THR C 83 -10.84 -4.26 -33.08
C THR C 83 -11.09 -5.41 -34.03
N LYS C 84 -12.29 -5.52 -34.57
CA LYS C 84 -12.56 -6.64 -35.50
C LYS C 84 -13.56 -6.16 -36.51
N ALA C 85 -13.87 -7.01 -37.47
CA ALA C 85 -14.88 -6.70 -38.43
C ALA C 85 -16.18 -6.43 -37.63
N PRO C 86 -16.82 -5.25 -37.79
CA PRO C 86 -17.94 -4.92 -36.92
C PRO C 86 -19.06 -5.93 -36.86
N GLY C 87 -19.34 -6.56 -38.01
CA GLY C 87 -20.50 -7.42 -38.12
C GLY C 87 -20.26 -8.61 -39.00
N LYS C 88 -21.14 -9.57 -38.87
CA LYS C 88 -21.13 -10.68 -39.82
C LYS C 88 -21.14 -10.15 -41.27
N SER C 89 -21.89 -9.08 -41.51
CA SER C 89 -22.01 -8.59 -42.88
C SER C 89 -20.72 -8.05 -43.45
N ASP C 90 -19.77 -7.69 -42.60
CA ASP C 90 -18.51 -7.16 -43.08
C ASP C 90 -17.53 -8.21 -43.56
N LYS C 91 -17.63 -8.52 -44.85
CA LYS C 91 -16.87 -9.60 -45.43
C LYS C 91 -15.53 -9.13 -45.92
N GLU C 92 -14.56 -10.02 -45.84
CA GLU C 92 -13.21 -9.78 -46.31
C GLU C 92 -12.55 -8.50 -45.72
N TRP C 93 -12.86 -8.17 -44.46
CA TRP C 93 -12.18 -7.11 -43.72
C TRP C 93 -10.77 -7.49 -43.37
N ASN C 94 -9.84 -6.55 -43.48
CA ASN C 94 -8.56 -6.74 -42.81
C ASN C 94 -8.37 -5.61 -41.82
N ARG C 95 -7.26 -5.67 -41.10
CA ARG C 95 -6.90 -4.68 -40.08
C ARG C 95 -6.94 -3.23 -40.58
N ASP C 96 -6.33 -2.97 -41.72
CA ASP C 96 -6.38 -1.61 -42.31
C ASP C 96 -7.76 -1.00 -42.40
N ASP C 97 -8.78 -1.81 -42.63
CA ASP C 97 -10.16 -1.31 -42.77
C ASP C 97 -10.67 -0.67 -41.47
N LEU C 98 -10.10 -1.02 -40.33
CA LEU C 98 -10.51 -0.43 -39.04
C LEU C 98 -10.02 1.00 -38.99
N LEU C 99 -8.97 1.29 -39.72
CA LEU C 99 -8.37 2.60 -39.55
C LEU C 99 -9.36 3.76 -39.76
N PRO C 100 -10.15 3.77 -40.88
CA PRO C 100 -11.06 4.93 -40.98
C PRO C 100 -12.13 4.98 -39.91
N LEU C 101 -12.70 3.83 -39.56
CA LEU C 101 -13.65 3.82 -38.45
C LEU C 101 -13.07 4.40 -37.16
N ASN C 102 -11.82 4.06 -36.84
CA ASN C 102 -11.35 4.40 -35.52
C ASN C 102 -10.94 5.83 -35.58
N ASN C 103 -10.52 6.30 -36.74
CA ASN C 103 -10.31 7.73 -36.93
C ASN C 103 -11.53 8.58 -36.65
N LYS C 104 -12.72 8.12 -37.06
CA LYS C 104 -13.98 8.87 -36.81
C LYS C 104 -14.27 8.99 -35.31
N ILE C 105 -14.21 7.84 -34.65
CA ILE C 105 -14.14 7.85 -33.19
C ILE C 105 -13.19 8.89 -32.58
N MET C 106 -11.96 9.00 -33.06
CA MET C 106 -11.00 9.95 -32.51
C MET C 106 -11.38 11.38 -32.82
N ILE C 107 -11.93 11.64 -34.03
CA ILE C 107 -12.48 13.00 -34.34
C ILE C 107 -13.60 13.34 -33.33
N GLU C 108 -14.44 12.37 -33.05
CA GLU C 108 -15.54 12.68 -32.15
C GLU C 108 -15.05 12.96 -30.75
N ILE C 109 -14.17 12.08 -30.23
CA ILE C 109 -13.59 12.26 -28.87
C ILE C 109 -12.78 13.56 -28.74
N GLY C 110 -11.95 13.84 -29.73
CA GLY C 110 -11.12 14.99 -29.65
C GLY C 110 -11.84 16.30 -29.75
N GLY C 111 -12.96 16.31 -30.49
CA GLY C 111 -13.79 17.47 -30.49
C GLY C 111 -14.31 17.72 -29.06
N HIS C 112 -14.77 16.68 -28.42
CA HIS C 112 -15.32 16.90 -27.05
C HIS C 112 -14.28 17.27 -25.99
N ILE C 113 -13.01 16.91 -26.21
CA ILE C 113 -11.98 17.19 -25.26
C ILE C 113 -11.66 18.68 -25.36
N LYS C 114 -11.63 19.15 -26.61
CA LYS C 114 -11.33 20.55 -26.90
C LYS C 114 -12.37 21.38 -26.19
N LYS C 115 -13.62 20.92 -26.28
CA LYS C 115 -14.72 21.62 -25.63
C LYS C 115 -14.83 21.60 -24.08
N ASN C 116 -14.66 20.44 -23.44
CA ASN C 116 -14.95 20.20 -22.02
C ASN C 116 -13.76 20.07 -21.10
N CYS C 117 -12.58 19.65 -21.61
CA CYS C 117 -11.40 19.37 -20.78
C CYS C 117 -10.09 19.56 -21.57
N PRO C 118 -9.89 20.78 -22.12
CA PRO C 118 -8.72 21.07 -22.85
C PRO C 118 -7.43 20.90 -22.03
N ASN C 119 -7.49 20.83 -20.70
CA ASN C 119 -6.24 20.69 -19.97
C ASN C 119 -6.02 19.34 -19.41
N ALA C 120 -6.83 18.39 -19.85
CA ALA C 120 -6.59 17.06 -19.38
C ALA C 120 -5.35 16.45 -19.99
N PHE C 121 -4.94 15.37 -19.34
CA PHE C 121 -3.89 14.55 -19.77
C PHE C 121 -4.53 13.26 -20.35
N ILE C 122 -4.08 12.83 -21.54
CA ILE C 122 -4.79 11.86 -22.34
C ILE C 122 -3.89 10.71 -22.63
N ILE C 123 -4.44 9.53 -22.47
CA ILE C 123 -3.67 8.34 -22.69
C ILE C 123 -4.51 7.54 -23.65
N VAL C 124 -3.92 7.16 -24.80
CA VAL C 124 -4.71 6.42 -25.80
C VAL C 124 -4.23 5.01 -25.86
N VAL C 125 -5.12 4.08 -26.04
CA VAL C 125 -4.80 2.66 -26.00
C VAL C 125 -5.29 1.99 -27.29
N THR C 126 -6.24 2.60 -27.98
CA THR C 126 -6.86 2.00 -29.18
C THR C 126 -5.81 1.68 -30.24
N ASN C 127 -5.84 0.42 -30.71
CA ASN C 127 -4.92 0.00 -31.75
C ASN C 127 -5.28 0.41 -33.22
N PRO C 128 -4.24 0.57 -34.08
CA PRO C 128 -2.76 0.66 -33.78
C PRO C 128 -2.41 1.95 -33.05
N VAL C 129 -1.79 1.83 -31.91
CA VAL C 129 -1.85 2.92 -30.94
C VAL C 129 -1.03 4.12 -31.35
N ASP C 130 0.08 3.91 -32.05
CA ASP C 130 0.96 4.96 -32.50
C ASP C 130 0.29 5.90 -33.59
N VAL C 131 -0.58 5.30 -34.39
CA VAL C 131 -1.46 6.07 -35.28
C VAL C 131 -2.58 6.75 -34.46
N MET C 132 -3.28 5.95 -33.67
CA MET C 132 -4.43 6.55 -32.93
C MET C 132 -4.10 7.70 -32.00
N VAL C 133 -2.97 7.68 -31.32
CA VAL C 133 -2.63 8.78 -30.39
C VAL C 133 -2.42 10.11 -31.15
N GLN C 134 -1.76 10.03 -32.31
CA GLN C 134 -1.51 11.16 -33.14
C GLN C 134 -2.79 11.69 -33.75
N LEU C 135 -3.65 10.82 -34.26
CA LEU C 135 -4.99 11.24 -34.65
C LEU C 135 -5.73 11.97 -33.47
N LEU C 136 -5.69 11.44 -32.26
CA LEU C 136 -6.45 12.16 -31.22
C LEU C 136 -5.78 13.49 -30.89
N HIS C 137 -4.44 13.56 -31.04
CA HIS C 137 -3.67 14.78 -30.82
C HIS C 137 -4.06 15.81 -31.81
N GLN C 138 -4.27 15.36 -33.02
CA GLN C 138 -4.59 16.22 -34.13
C GLN C 138 -6.00 16.71 -33.91
N HIS C 139 -6.91 15.80 -33.65
CA HIS C 139 -8.31 16.19 -33.47
C HIS C 139 -8.70 16.77 -32.12
N SER C 140 -7.83 16.78 -31.10
CA SER C 140 -8.19 17.35 -29.81
C SER C 140 -7.57 18.72 -29.61
N GLY C 141 -6.41 18.95 -30.20
CA GLY C 141 -5.72 20.25 -30.04
C GLY C 141 -4.94 20.36 -28.74
N VAL C 142 -4.74 19.25 -28.02
CA VAL C 142 -4.01 19.41 -26.75
C VAL C 142 -2.50 19.46 -26.99
N PRO C 143 -1.73 20.15 -26.11
CA PRO C 143 -0.25 20.19 -26.14
C PRO C 143 0.35 18.77 -26.22
N LYS C 144 1.47 18.66 -26.92
CA LYS C 144 2.10 17.39 -27.19
C LYS C 144 2.68 16.71 -25.93
N ASN C 145 2.89 17.48 -24.89
CA ASN C 145 3.38 16.91 -23.65
C ASN C 145 2.20 16.39 -22.81
N LYS C 146 0.97 16.52 -23.32
CA LYS C 146 -0.15 16.10 -22.51
C LYS C 146 -0.85 14.91 -23.19
N ILE C 147 -0.24 14.30 -24.20
CA ILE C 147 -0.91 13.11 -24.82
C ILE C 147 0.03 12.02 -25.15
N ILE C 148 -0.24 10.80 -24.67
CA ILE C 148 0.67 9.71 -24.91
C ILE C 148 -0.13 8.46 -25.22
N GLY C 149 0.52 7.50 -25.82
CA GLY C 149 -0.17 6.25 -26.13
C GLY C 149 0.49 5.16 -25.35
N LEU C 150 -0.24 4.08 -25.12
CA LEU C 150 0.30 2.95 -24.37
C LEU C 150 1.03 2.07 -25.30
N GLY C 151 2.29 1.81 -24.97
CA GLY C 151 3.10 0.95 -25.81
C GLY C 151 4.08 0.17 -24.95
N GLY C 152 5.15 0.84 -24.58
CA GLY C 152 6.32 0.19 -24.09
C GLY C 152 6.18 -0.39 -22.71
N VAL C 153 5.31 0.21 -21.85
CA VAL C 153 5.17 -0.27 -20.50
C VAL C 153 4.60 -1.66 -20.56
N LEU C 154 3.68 -1.91 -21.49
CA LEU C 154 2.99 -3.23 -21.60
C LEU C 154 3.94 -4.23 -22.22
N ASP C 155 4.51 -3.89 -23.36
CA ASP C 155 5.44 -4.75 -24.04
C ASP C 155 6.65 -5.09 -23.17
N THR C 156 7.24 -4.08 -22.53
CA THR C 156 8.38 -4.30 -21.64
C THR C 156 8.01 -5.15 -20.43
N SER C 157 6.75 -5.16 -19.95
CA SER C 157 6.44 -5.93 -18.80
C SER C 157 6.40 -7.46 -19.14
N ARG C 158 6.07 -7.77 -20.39
CA ARG C 158 6.21 -9.15 -20.83
C ARG C 158 7.68 -9.58 -20.97
N LEU C 159 8.52 -8.67 -21.41
CA LEU C 159 9.90 -9.11 -21.54
C LEU C 159 10.64 -9.12 -20.16
N LYS C 160 10.25 -8.24 -19.24
CA LYS C 160 10.88 -8.17 -17.95
C LYS C 160 10.46 -9.43 -17.24
N TYR C 161 9.17 -9.75 -17.36
CA TYR C 161 8.60 -10.99 -16.79
C TYR C 161 9.27 -12.24 -17.25
N TYR C 162 9.26 -12.52 -18.53
CA TYR C 162 9.84 -13.82 -19.00
C TYR C 162 11.33 -13.96 -18.61
N ILE C 163 12.05 -12.85 -18.64
CA ILE C 163 13.47 -12.90 -18.29
C ILE C 163 13.60 -13.27 -16.81
N SER C 164 12.68 -12.74 -15.97
CA SER C 164 12.90 -12.77 -14.55
C SER C 164 12.65 -14.23 -14.16
N GLN C 165 11.73 -14.88 -14.86
CA GLN C 165 11.40 -16.26 -14.57
C GLN C 165 12.62 -16.99 -14.89
N LYS C 166 13.21 -16.79 -16.09
CA LYS C 166 14.46 -17.48 -16.36
C LYS C 166 15.56 -17.26 -15.32
N LEU C 167 15.84 -16.01 -14.96
CA LEU C 167 16.94 -15.75 -14.01
C LEU C 167 16.55 -15.88 -12.50
N ASN C 168 15.24 -16.16 -12.19
CA ASN C 168 14.77 -16.33 -10.79
C ASN C 168 15.02 -15.13 -9.92
N VAL C 169 14.74 -13.96 -10.44
CA VAL C 169 14.75 -12.72 -9.68
C VAL C 169 13.35 -12.05 -9.67
N CYS C 170 13.26 -10.95 -8.90
CA CYS C 170 12.07 -10.10 -8.88
C CYS C 170 11.80 -9.57 -10.30
N PRO C 171 10.60 -9.83 -10.88
CA PRO C 171 10.17 -9.43 -12.22
C PRO C 171 10.52 -7.94 -12.42
N ARG C 172 10.32 -7.13 -11.42
CA ARG C 172 10.65 -5.67 -11.65
C ARG C 172 12.11 -5.22 -11.49
N ASP C 173 12.95 -6.14 -11.03
CA ASP C 173 14.38 -5.87 -11.03
C ASP C 173 15.04 -6.16 -12.44
N VAL C 174 14.25 -6.67 -13.39
CA VAL C 174 14.60 -6.66 -14.84
C VAL C 174 14.18 -5.33 -15.47
N ASN C 175 15.10 -4.64 -16.12
CA ASN C 175 14.70 -3.47 -16.93
C ASN C 175 15.05 -3.69 -18.40
N ALA C 176 14.15 -3.29 -19.30
CA ALA C 176 14.43 -3.54 -20.69
C ALA C 176 13.72 -2.43 -21.42
N HIS C 177 14.18 -2.14 -22.62
CA HIS C 177 13.56 -1.14 -23.49
C HIS C 177 13.09 -1.67 -24.76
N ILE C 178 11.82 -1.45 -25.01
CA ILE C 178 11.25 -1.69 -26.32
C ILE C 178 10.70 -0.38 -26.89
N VAL C 179 11.14 -0.03 -28.12
CA VAL C 179 10.82 1.27 -28.72
C VAL C 179 10.31 1.12 -30.16
N GLY C 180 10.08 2.28 -30.76
CA GLY C 180 9.60 2.43 -32.13
C GLY C 180 8.08 2.51 -32.23
N ALA C 181 7.48 1.35 -32.04
CA ALA C 181 6.06 1.17 -32.15
C ALA C 181 5.63 0.00 -31.28
N HIS C 182 4.36 0.02 -30.87
CA HIS C 182 3.70 -1.06 -30.23
C HIS C 182 3.29 -2.03 -31.34
N GLY C 183 3.19 -3.34 -31.12
CA GLY C 183 2.80 -4.28 -32.25
C GLY C 183 4.00 -4.98 -32.91
N ASN C 184 3.76 -5.62 -34.06
CA ASN C 184 4.71 -6.48 -34.78
C ASN C 184 6.09 -5.91 -34.99
N LYS C 185 6.17 -4.61 -35.15
CA LYS C 185 7.42 -3.96 -35.51
C LYS C 185 8.13 -3.40 -34.30
N MET C 186 7.60 -3.62 -33.09
CA MET C 186 8.32 -3.15 -31.86
C MET C 186 9.82 -3.42 -31.96
N VAL C 187 10.64 -2.52 -31.46
CA VAL C 187 12.06 -2.81 -31.51
C VAL C 187 12.59 -3.34 -30.15
N LEU C 188 12.93 -4.62 -30.06
CA LEU C 188 13.50 -5.17 -28.77
C LEU C 188 15.01 -4.93 -28.63
N LEU C 189 15.42 -3.99 -27.80
CA LEU C 189 16.84 -3.59 -27.63
C LEU C 189 17.70 -4.48 -26.69
N LYS C 190 18.36 -5.48 -27.26
CA LYS C 190 19.13 -6.46 -26.49
C LYS C 190 20.16 -5.71 -25.64
N ARG C 191 20.63 -4.61 -26.20
CA ARG C 191 21.73 -3.91 -25.60
C ARG C 191 21.34 -3.23 -24.31
N TYR C 192 20.05 -2.92 -24.16
CA TYR C 192 19.58 -2.13 -23.00
C TYR C 192 19.08 -2.92 -21.81
N ILE C 193 18.99 -4.25 -21.91
CA ILE C 193 18.46 -5.06 -20.85
C ILE C 193 19.38 -5.14 -19.62
N THR C 194 18.79 -5.02 -18.43
CA THR C 194 19.58 -5.05 -17.20
C THR C 194 18.77 -5.83 -16.21
N VAL C 195 19.48 -6.52 -15.30
CA VAL C 195 18.97 -7.26 -14.21
C VAL C 195 19.56 -6.76 -12.92
N GLY C 196 18.70 -6.24 -12.07
CA GLY C 196 19.13 -5.42 -10.94
C GLY C 196 20.27 -4.46 -11.27
N GLY C 197 20.19 -3.76 -12.39
CA GLY C 197 21.10 -2.62 -12.65
C GLY C 197 22.35 -3.06 -13.43
N ILE C 198 22.47 -4.36 -13.66
CA ILE C 198 23.65 -4.99 -14.24
C ILE C 198 23.28 -5.44 -15.65
N PRO C 199 24.20 -5.22 -16.63
CA PRO C 199 23.86 -5.63 -17.96
C PRO C 199 23.50 -7.14 -18.06
N LEU C 200 22.49 -7.44 -18.84
CA LEU C 200 22.08 -8.81 -19.03
C LEU C 200 23.29 -9.61 -19.62
N GLN C 201 24.11 -8.95 -20.43
CA GLN C 201 25.35 -9.62 -20.93
C GLN C 201 26.15 -10.28 -19.83
N GLU C 202 26.18 -9.75 -18.60
CA GLU C 202 27.00 -10.45 -17.59
C GLU C 202 26.48 -11.85 -17.26
N PHE C 203 25.16 -12.01 -17.19
CA PHE C 203 24.45 -13.32 -16.99
C PHE C 203 24.50 -14.22 -18.17
N ILE C 204 24.41 -13.66 -19.33
CA ILE C 204 24.75 -14.42 -20.57
C ILE C 204 26.23 -14.94 -20.52
N ASN C 205 27.19 -14.07 -20.28
CA ASN C 205 28.56 -14.55 -20.07
C ASN C 205 28.58 -15.63 -19.03
N ASN C 206 27.69 -15.60 -18.01
CA ASN C 206 27.80 -16.56 -16.95
C ASN C 206 27.07 -17.82 -17.26
N LYS C 207 26.61 -17.93 -18.50
CA LYS C 207 25.71 -19.00 -18.98
C LYS C 207 24.49 -19.24 -18.13
N LEU C 208 23.90 -18.17 -17.62
CA LEU C 208 22.65 -18.34 -16.81
C LEU C 208 21.41 -18.22 -17.69
N ILE C 209 21.61 -17.55 -18.83
CA ILE C 209 20.68 -17.42 -19.92
C ILE C 209 21.53 -17.35 -21.21
N SER C 210 21.04 -17.95 -22.28
CA SER C 210 21.77 -17.99 -23.52
C SER C 210 21.24 -16.93 -24.53
N ASP C 211 22.05 -16.60 -25.51
CA ASP C 211 21.56 -15.72 -26.59
C ASP C 211 20.34 -16.30 -27.30
N ALA C 212 20.30 -17.63 -27.50
CA ALA C 212 19.15 -18.25 -28.18
C ALA C 212 17.87 -18.16 -27.28
N GLU C 213 18.01 -18.45 -26.00
CA GLU C 213 16.87 -18.30 -25.11
C GLU C 213 16.35 -16.86 -25.10
N LEU C 214 17.25 -15.89 -25.12
CA LEU C 214 16.83 -14.48 -25.19
C LEU C 214 16.02 -14.22 -26.45
N GLU C 215 16.55 -14.65 -27.60
CA GLU C 215 15.85 -14.53 -28.85
C GLU C 215 14.48 -15.14 -28.79
N ALA C 216 14.32 -16.31 -28.16
CA ALA C 216 13.05 -16.97 -28.14
C ALA C 216 12.09 -16.20 -27.17
N ILE C 217 12.67 -15.56 -26.15
CA ILE C 217 11.86 -14.77 -25.22
C ILE C 217 11.34 -13.54 -25.98
N PHE C 218 12.16 -13.05 -26.89
CA PHE C 218 11.85 -11.87 -27.72
C PHE C 218 10.68 -12.22 -28.61
N ASP C 219 10.65 -13.47 -29.11
CA ASP C 219 9.57 -13.88 -30.02
C ASP C 219 8.27 -13.92 -29.24
N ARG C 220 8.34 -14.44 -28.03
CA ARG C 220 7.19 -14.53 -27.13
C ARG C 220 6.67 -13.18 -26.75
N THR C 221 7.57 -12.29 -26.46
CA THR C 221 7.13 -10.91 -26.22
C THR C 221 6.35 -10.31 -27.39
N VAL C 222 6.91 -10.29 -28.59
CA VAL C 222 6.16 -9.93 -29.76
C VAL C 222 4.80 -10.66 -29.91
N ASN C 223 4.71 -11.98 -29.61
CA ASN C 223 3.44 -12.67 -29.88
C ASN C 223 2.51 -12.95 -28.69
N THR C 224 2.69 -12.21 -27.60
CA THR C 224 2.00 -12.58 -26.36
C THR C 224 0.48 -12.42 -26.47
N ALA C 225 0.06 -11.31 -27.06
CA ALA C 225 -1.35 -11.08 -27.31
C ALA C 225 -1.97 -12.27 -28.08
N LEU C 226 -1.31 -12.68 -29.16
CA LEU C 226 -1.80 -13.78 -29.95
C LEU C 226 -1.77 -15.10 -29.18
N GLU C 227 -0.76 -15.31 -28.34
CA GLU C 227 -0.65 -16.55 -27.56
C GLU C 227 -1.75 -16.65 -26.47
N ILE C 228 -2.05 -15.53 -25.87
CA ILE C 228 -3.18 -15.46 -24.91
C ILE C 228 -4.50 -15.79 -25.63
N VAL C 229 -4.83 -15.09 -26.73
CA VAL C 229 -6.07 -15.34 -27.47
C VAL C 229 -6.17 -16.80 -27.96
N ASN C 230 -5.06 -17.36 -28.44
CA ASN C 230 -5.05 -18.77 -28.77
C ASN C 230 -5.37 -19.71 -27.61
N LEU C 231 -5.30 -19.26 -26.36
CA LEU C 231 -5.62 -20.14 -25.25
C LEU C 231 -7.07 -19.91 -24.78
N HIS C 232 -7.91 -19.34 -25.65
CA HIS C 232 -9.29 -18.92 -25.30
C HIS C 232 -9.37 -17.89 -24.16
N ALA C 233 -8.53 -16.85 -24.19
CA ALA C 233 -8.59 -15.74 -23.23
C ALA C 233 -8.22 -14.48 -23.96
N SER C 234 -7.93 -13.40 -23.27
CA SER C 234 -7.86 -12.12 -23.91
C SER C 234 -7.04 -11.14 -23.06
N PRO C 235 -6.00 -10.51 -23.64
CA PRO C 235 -5.16 -9.74 -22.72
C PRO C 235 -5.81 -8.48 -22.24
N TYR C 236 -6.30 -8.40 -21.01
CA TYR C 236 -6.79 -7.09 -20.53
C TYR C 236 -6.30 -6.65 -19.16
N VAL C 237 -5.92 -7.61 -18.36
CA VAL C 237 -5.35 -7.23 -17.06
C VAL C 237 -4.03 -6.43 -17.12
N ALA C 238 -3.04 -6.90 -17.92
CA ALA C 238 -1.77 -6.23 -17.92
C ALA C 238 -1.86 -4.84 -18.56
N PRO C 239 -2.62 -4.77 -19.65
CA PRO C 239 -2.84 -3.50 -20.28
C PRO C 239 -3.38 -2.53 -19.27
N ALA C 240 -4.42 -2.92 -18.52
CA ALA C 240 -5.05 -1.99 -17.60
C ALA C 240 -4.10 -1.64 -16.56
N ALA C 241 -3.35 -2.65 -16.03
CA ALA C 241 -2.26 -2.31 -15.06
C ALA C 241 -1.23 -1.27 -15.56
N ALA C 242 -0.80 -1.37 -16.84
CA ALA C 242 0.29 -0.53 -17.33
C ALA C 242 -0.16 0.89 -17.48
N ILE C 243 -1.41 1.00 -17.96
CA ILE C 243 -2.08 2.27 -18.10
C ILE C 243 -2.19 2.99 -16.78
N ILE C 244 -2.57 2.26 -15.74
CA ILE C 244 -2.72 2.87 -14.41
C ILE C 244 -1.35 3.33 -13.87
N GLU C 245 -0.33 2.51 -14.13
CA GLU C 245 1.05 2.91 -13.87
C GLU C 245 1.39 4.29 -14.49
N MET C 246 1.10 4.47 -15.77
CA MET C 246 1.35 5.76 -16.42
C MET C 246 0.57 6.86 -15.78
N ALA C 247 -0.75 6.67 -15.68
CA ALA C 247 -1.61 7.64 -15.01
C ALA C 247 -1.19 8.08 -13.64
N GLU C 248 -0.78 7.10 -12.86
CA GLU C 248 -0.33 7.38 -11.52
C GLU C 248 0.90 8.30 -11.42
N SER C 249 1.85 8.13 -12.37
CA SER C 249 3.09 8.86 -12.37
C SER C 249 2.80 10.27 -12.67
N TYR C 250 1.81 10.49 -13.54
CA TYR C 250 1.23 11.80 -13.78
C TYR C 250 0.52 12.35 -12.54
N LEU C 251 -0.47 11.66 -12.04
CA LEU C 251 -1.29 12.27 -10.94
C LEU C 251 -0.55 12.54 -9.65
N LYS C 252 0.66 12.01 -9.52
CA LYS C 252 1.45 12.15 -8.28
C LYS C 252 2.81 12.75 -8.48
N ASP C 253 3.09 13.10 -9.73
CA ASP C 253 4.35 13.71 -10.11
C ASP C 253 5.45 12.81 -9.56
N LEU C 254 5.36 11.54 -9.92
CA LEU C 254 6.36 10.57 -9.56
C LEU C 254 7.65 10.73 -10.44
N LYS C 255 7.50 11.26 -11.65
CA LYS C 255 8.62 11.40 -12.64
C LYS C 255 9.32 10.15 -12.95
N LYS C 256 8.54 9.07 -13.05
CA LYS C 256 9.01 7.82 -13.54
C LYS C 256 9.38 7.87 -15.03
N VAL C 257 10.44 7.15 -15.38
CA VAL C 257 10.82 6.94 -16.73
C VAL C 257 9.99 5.72 -17.22
N LEU C 258 9.16 5.98 -18.23
CA LEU C 258 8.23 4.96 -18.75
C LEU C 258 8.32 5.00 -20.26
N ILE C 259 8.24 3.84 -20.91
CA ILE C 259 8.20 3.90 -22.37
C ILE C 259 6.76 4.05 -22.87
N CYS C 260 6.49 5.24 -23.48
CA CYS C 260 5.19 5.63 -24.05
C CYS C 260 5.30 5.94 -25.52
N SER C 261 4.19 5.85 -26.23
CA SER C 261 4.15 6.38 -27.55
C SER C 261 4.05 7.93 -27.49
N THR C 262 5.09 8.66 -27.89
CA THR C 262 5.10 10.13 -27.77
C THR C 262 5.45 10.85 -29.11
N LEU C 263 5.24 12.20 -29.16
CA LEU C 263 5.52 12.92 -30.42
C LEU C 263 7.02 13.09 -30.66
N LEU C 264 7.53 12.59 -31.77
CA LEU C 264 8.94 12.75 -32.07
C LEU C 264 9.19 14.07 -32.78
N GLU C 265 10.12 14.87 -32.28
CA GLU C 265 10.48 16.08 -33.01
C GLU C 265 12.00 16.09 -33.38
N GLY C 266 12.45 15.18 -34.22
CA GLY C 266 13.88 15.11 -34.49
C GLY C 266 14.56 13.87 -33.90
N GLN C 267 14.12 13.38 -32.73
CA GLN C 267 14.74 12.20 -32.15
C GLN C 267 14.64 11.01 -33.08
N TYR C 268 15.73 10.26 -33.14
CA TYR C 268 15.93 9.10 -34.02
C TYR C 268 15.84 9.43 -35.50
N GLY C 269 15.91 10.70 -35.83
CA GLY C 269 15.83 11.11 -37.22
C GLY C 269 14.39 11.22 -37.70
N HIS C 270 13.44 11.49 -36.79
CA HIS C 270 12.02 11.57 -37.16
C HIS C 270 11.22 12.69 -36.56
N SER C 271 10.26 13.19 -37.35
CA SER C 271 9.38 14.30 -36.96
C SER C 271 7.97 14.03 -37.36
N ASP C 272 7.04 14.82 -36.77
CA ASP C 272 5.60 14.76 -37.07
C ASP C 272 5.05 13.35 -37.05
N ILE C 273 5.50 12.55 -36.12
CA ILE C 273 5.01 11.19 -35.99
C ILE C 273 5.19 10.86 -34.51
N PHE C 274 4.40 9.92 -34.03
CA PHE C 274 4.58 9.42 -32.66
C PHE C 274 5.26 8.07 -32.75
N GLY C 275 5.97 7.74 -31.68
CA GLY C 275 6.64 6.49 -31.56
C GLY C 275 7.10 6.27 -30.13
N GLY C 276 7.31 5.00 -29.80
CA GLY C 276 7.76 4.58 -28.45
C GLY C 276 9.16 4.99 -28.10
N THR C 277 9.28 5.64 -26.96
CA THR C 277 10.58 6.00 -26.45
C THR C 277 10.43 6.24 -24.93
N PRO C 278 11.51 6.06 -24.15
CA PRO C 278 11.36 6.35 -22.75
C PRO C 278 11.05 7.83 -22.52
N VAL C 279 10.12 8.15 -21.61
CA VAL C 279 9.84 9.56 -21.34
C VAL C 279 9.80 9.73 -19.82
N VAL C 280 9.98 10.97 -19.34
CA VAL C 280 9.68 11.26 -17.97
C VAL C 280 8.24 11.82 -17.78
N LEU C 281 7.46 11.17 -16.95
CA LEU C 281 6.04 11.58 -16.70
C LEU C 281 5.81 12.07 -15.30
N GLY C 282 5.57 13.39 -15.17
CA GLY C 282 5.19 13.94 -13.88
C GLY C 282 3.92 14.78 -13.98
N ALA C 283 3.79 15.73 -13.05
CA ALA C 283 2.75 16.74 -13.01
C ALA C 283 2.61 17.52 -14.32
N ASN C 284 3.71 17.76 -15.05
CA ASN C 284 3.57 18.54 -16.29
C ASN C 284 3.38 17.67 -17.50
N GLY C 285 3.00 16.41 -17.31
CA GLY C 285 2.81 15.45 -18.44
C GLY C 285 4.17 14.89 -18.78
N VAL C 286 4.51 14.73 -20.07
CA VAL C 286 5.86 14.35 -20.50
C VAL C 286 6.81 15.52 -20.22
N GLU C 287 7.63 15.34 -19.19
CA GLU C 287 8.54 16.38 -18.77
C GLU C 287 9.83 16.26 -19.52
N GLN C 288 10.15 15.07 -20.01
CA GLN C 288 11.38 14.85 -20.79
C GLN C 288 11.08 13.73 -21.74
N VAL C 289 11.66 13.83 -22.93
CA VAL C 289 11.64 12.79 -23.90
C VAL C 289 13.09 12.38 -24.00
N ILE C 290 13.36 11.11 -23.68
CA ILE C 290 14.71 10.60 -23.65
C ILE C 290 15.01 9.85 -24.93
N GLU C 291 16.00 10.34 -25.65
CA GLU C 291 16.40 9.72 -26.93
C GLU C 291 17.48 8.68 -26.67
N LEU C 292 17.20 7.41 -26.90
CA LEU C 292 18.24 6.42 -26.69
C LEU C 292 19.37 6.54 -27.77
N GLN C 293 20.64 6.40 -27.40
CA GLN C 293 21.76 6.60 -28.37
C GLN C 293 21.96 5.36 -29.19
N LEU C 294 21.02 5.09 -30.12
CA LEU C 294 20.99 3.80 -30.89
C LEU C 294 22.15 3.68 -31.87
N ASN C 295 22.53 2.45 -32.20
CA ASN C 295 23.57 2.25 -33.18
C ASN C 295 22.84 2.05 -34.49
N SER C 296 23.57 1.96 -35.59
CA SER C 296 22.91 2.07 -36.87
C SER C 296 22.01 0.86 -37.21
N GLU C 297 22.29 -0.35 -36.72
CA GLU C 297 21.33 -1.45 -36.99
C GLU C 297 20.06 -1.34 -36.10
N GLU C 298 20.23 -0.80 -34.89
CA GLU C 298 19.07 -0.62 -34.04
C GLU C 298 18.21 0.44 -34.74
N LYS C 299 18.83 1.49 -35.28
CA LYS C 299 18.09 2.59 -35.88
C LYS C 299 17.35 2.17 -37.15
N ALA C 300 17.98 1.34 -37.98
CA ALA C 300 17.26 0.72 -39.11
C ALA C 300 16.02 -0.03 -38.64
N LYS C 301 16.07 -0.60 -37.46
CA LYS C 301 14.89 -1.24 -36.90
C LYS C 301 13.77 -0.24 -36.48
N PHE C 302 14.19 0.84 -35.86
CA PHE C 302 13.30 1.91 -35.45
C PHE C 302 12.65 2.46 -36.70
N ASP C 303 13.46 2.63 -37.74
CA ASP C 303 12.99 3.09 -39.04
C ASP C 303 11.95 2.17 -39.68
N GLU C 304 12.06 0.88 -39.52
CA GLU C 304 10.96 0.05 -39.99
C GLU C 304 9.69 0.23 -39.15
N ALA C 305 9.83 0.57 -37.85
CA ALA C 305 8.65 0.72 -37.03
C ALA C 305 7.92 1.99 -37.42
N ILE C 306 8.65 3.12 -37.46
CA ILE C 306 8.06 4.39 -37.90
C ILE C 306 7.39 4.33 -39.29
N ALA C 307 8.10 3.73 -40.26
CA ALA C 307 7.55 3.50 -41.61
C ALA C 307 6.16 2.86 -41.56
N GLU C 308 6.04 1.73 -40.87
CA GLU C 308 4.74 1.06 -40.71
C GLU C 308 3.65 1.97 -40.11
N THR C 309 3.99 2.72 -39.06
CA THR C 309 3.07 3.66 -38.45
C THR C 309 2.57 4.66 -39.52
N LYS C 310 3.52 5.13 -40.32
CA LYS C 310 3.27 6.10 -41.41
C LYS C 310 2.34 5.53 -42.46
N ARG C 311 2.52 4.24 -42.76
CA ARG C 311 1.75 3.57 -43.80
C ARG C 311 0.32 3.54 -43.35
N MET C 312 0.08 3.15 -42.11
CA MET C 312 -1.26 3.12 -41.59
C MET C 312 -1.84 4.50 -41.40
N LYS C 313 -1.07 5.46 -40.87
CA LYS C 313 -1.55 6.82 -40.75
C LYS C 313 -2.10 7.32 -42.05
N ALA C 314 -1.38 7.11 -43.14
CA ALA C 314 -1.84 7.57 -44.44
C ALA C 314 -3.23 7.01 -44.72
N LEU C 315 -3.57 5.85 -44.14
CA LEU C 315 -4.86 5.21 -44.47
C LEU C 315 -6.04 5.64 -43.60
N ALA C 316 -5.78 6.45 -42.58
CA ALA C 316 -6.87 6.88 -41.70
C ALA C 316 -7.69 8.04 -42.33
N PRO D 3 7.32 -21.89 1.89
CA PRO D 3 7.33 -20.94 0.76
C PRO D 3 6.13 -19.95 0.90
N LYS D 4 5.91 -19.08 -0.10
CA LYS D 4 4.68 -18.23 -0.16
C LYS D 4 3.42 -19.10 -0.05
N ALA D 5 2.32 -18.56 0.47
CA ALA D 5 1.00 -19.17 0.36
C ALA D 5 0.65 -19.63 -1.09
N LYS D 6 0.15 -20.88 -1.29
CA LYS D 6 -0.47 -21.30 -2.55
C LYS D 6 -1.99 -21.10 -2.40
N ILE D 7 -2.62 -20.42 -3.37
CA ILE D 7 -4.10 -20.11 -3.38
C ILE D 7 -4.75 -20.72 -4.66
N VAL D 8 -5.62 -21.71 -4.54
CA VAL D 8 -6.22 -22.30 -5.70
C VAL D 8 -7.60 -21.69 -5.93
N LEU D 9 -7.79 -21.15 -7.13
CA LEU D 9 -9.10 -20.57 -7.43
C LEU D 9 -9.84 -21.63 -8.21
N VAL D 10 -10.86 -22.20 -7.63
CA VAL D 10 -11.57 -23.34 -8.34
C VAL D 10 -12.71 -22.68 -9.08
N GLY D 11 -12.47 -22.48 -10.37
CA GLY D 11 -13.28 -21.59 -11.20
C GLY D 11 -12.58 -20.30 -11.62
N SER D 12 -12.49 -20.11 -12.94
CA SER D 12 -11.79 -18.98 -13.44
C SER D 12 -12.70 -18.19 -14.35
N GLY D 13 -13.95 -17.97 -13.92
CA GLY D 13 -14.77 -16.99 -14.59
C GLY D 13 -14.26 -15.62 -14.18
N MET D 14 -15.09 -14.61 -14.32
CA MET D 14 -14.67 -13.21 -14.09
C MET D 14 -14.35 -12.89 -12.65
N ILE D 15 -15.12 -13.50 -11.74
CA ILE D 15 -14.77 -13.45 -10.30
C ILE D 15 -13.30 -13.94 -10.09
N GLY D 16 -12.96 -15.07 -10.71
CA GLY D 16 -11.62 -15.71 -10.61
C GLY D 16 -10.52 -14.76 -11.04
N GLY D 17 -10.71 -14.20 -12.23
CA GLY D 17 -9.92 -13.14 -12.75
C GLY D 17 -9.64 -11.94 -11.89
N VAL D 18 -10.67 -11.40 -11.24
CA VAL D 18 -10.43 -10.19 -10.41
C VAL D 18 -9.62 -10.63 -9.14
N MET D 19 -9.86 -11.87 -8.73
CA MET D 19 -9.21 -12.40 -7.50
C MET D 19 -7.74 -12.57 -7.74
N ALA D 20 -7.34 -13.17 -8.88
CA ALA D 20 -5.92 -13.30 -9.24
C ALA D 20 -5.26 -11.90 -9.34
N THR D 21 -5.92 -10.92 -9.99
CA THR D 21 -5.34 -9.54 -10.11
C THR D 21 -5.01 -8.94 -8.77
N LEU D 22 -6.01 -8.88 -7.87
CA LEU D 22 -5.85 -8.34 -6.51
C LEU D 22 -4.85 -9.14 -5.71
N ILE D 23 -4.89 -10.45 -5.86
CA ILE D 23 -3.90 -11.25 -5.19
C ILE D 23 -2.48 -10.82 -5.63
N VAL D 24 -2.32 -10.54 -6.92
CA VAL D 24 -0.98 -10.13 -7.39
C VAL D 24 -0.76 -8.68 -6.89
N GLN D 25 -1.82 -7.90 -6.87
CA GLN D 25 -1.57 -6.45 -6.48
C GLN D 25 -1.16 -6.43 -5.00
N LYS D 26 -1.63 -7.41 -4.24
CA LYS D 26 -1.39 -7.40 -2.80
C LYS D 26 -0.25 -8.31 -2.41
N ASN D 27 0.49 -8.79 -3.42
CA ASN D 27 1.58 -9.78 -3.22
C ASN D 27 1.15 -10.96 -2.31
N LEU D 28 -0.09 -11.42 -2.40
CA LEU D 28 -0.60 -12.36 -1.39
C LEU D 28 -0.13 -13.82 -1.45
N GLY D 29 0.40 -14.31 -2.58
CA GLY D 29 0.57 -15.80 -2.71
C GLY D 29 0.61 -16.20 -4.16
N ASP D 30 1.11 -17.40 -4.46
CA ASP D 30 1.04 -17.88 -5.81
C ASP D 30 -0.44 -18.17 -5.98
N VAL D 31 -0.91 -18.21 -7.23
CA VAL D 31 -2.33 -18.33 -7.59
C VAL D 31 -2.38 -19.42 -8.64
N VAL D 32 -3.32 -20.32 -8.54
CA VAL D 32 -3.61 -21.27 -9.64
C VAL D 32 -5.04 -21.02 -10.09
N LEU D 33 -5.28 -20.79 -11.39
CA LEU D 33 -6.65 -20.56 -11.85
C LEU D 33 -7.10 -21.92 -12.36
N PHE D 34 -8.00 -22.58 -11.67
CA PHE D 34 -8.42 -23.88 -12.13
C PHE D 34 -9.76 -23.70 -12.83
N ASP D 35 -10.02 -24.45 -13.88
CA ASP D 35 -11.35 -24.55 -14.43
C ASP D 35 -11.51 -25.84 -15.26
N ILE D 36 -12.75 -26.26 -15.49
CA ILE D 36 -12.95 -27.48 -16.28
C ILE D 36 -12.84 -27.12 -17.76
N VAL D 37 -12.99 -25.82 -18.06
CA VAL D 37 -12.90 -25.32 -19.41
C VAL D 37 -11.43 -25.32 -19.79
N LYS D 38 -11.11 -25.83 -20.98
CA LYS D 38 -9.73 -25.98 -21.47
C LYS D 38 -9.08 -24.68 -21.81
N ASN D 39 -7.79 -24.62 -21.49
CA ASN D 39 -6.90 -23.51 -21.89
C ASN D 39 -7.15 -22.11 -21.34
N MET D 40 -8.44 -21.77 -21.16
CA MET D 40 -8.84 -20.44 -20.82
C MET D 40 -8.14 -19.97 -19.53
N PRO D 41 -8.04 -20.83 -18.49
CA PRO D 41 -7.31 -20.43 -17.27
C PRO D 41 -5.79 -20.16 -17.50
N HIS D 42 -5.16 -20.93 -18.40
CA HIS D 42 -3.77 -20.63 -18.83
C HIS D 42 -3.62 -19.31 -19.48
N GLY D 43 -4.58 -18.91 -20.34
CA GLY D 43 -4.51 -17.57 -20.92
C GLY D 43 -4.64 -16.44 -19.95
N LYS D 44 -5.67 -16.52 -19.10
CA LYS D 44 -5.79 -15.57 -18.01
C LYS D 44 -4.58 -15.59 -17.10
N ALA D 45 -4.09 -16.77 -16.71
CA ALA D 45 -2.86 -16.83 -15.85
C ALA D 45 -1.77 -16.03 -16.52
N LEU D 46 -1.61 -16.26 -17.83
CA LEU D 46 -0.52 -15.59 -18.53
C LEU D 46 -0.71 -14.09 -18.52
N ASP D 47 -1.95 -13.64 -18.72
CA ASP D 47 -2.16 -12.18 -18.80
C ASP D 47 -1.94 -11.66 -17.36
N THR D 48 -2.34 -12.45 -16.36
CA THR D 48 -2.21 -11.88 -15.02
C THR D 48 -0.78 -11.87 -14.53
N SER D 49 -0.05 -12.92 -14.84
CA SER D 49 1.35 -12.96 -14.36
C SER D 49 2.12 -11.67 -14.74
N HIS D 50 1.83 -11.06 -15.90
CA HIS D 50 2.53 -9.81 -16.27
C HIS D 50 2.50 -8.66 -15.33
N THR D 51 1.40 -8.49 -14.61
CA THR D 51 1.21 -7.36 -13.71
C THR D 51 2.16 -7.37 -12.48
N ASN D 52 2.65 -8.57 -12.12
CA ASN D 52 3.80 -8.61 -11.16
C ASN D 52 4.77 -7.47 -11.37
N VAL D 53 5.04 -7.12 -12.63
CA VAL D 53 6.01 -6.11 -12.92
C VAL D 53 5.50 -4.71 -12.51
N MET D 54 4.26 -4.39 -12.89
CA MET D 54 3.72 -3.08 -12.56
C MET D 54 3.49 -2.99 -11.04
N ALA D 55 3.22 -4.12 -10.42
CA ALA D 55 2.85 -4.12 -8.99
C ALA D 55 4.02 -4.28 -8.06
N TYR D 56 5.20 -4.56 -8.61
CA TYR D 56 6.36 -4.90 -7.79
C TYR D 56 6.17 -6.14 -6.95
N SER D 57 5.55 -7.18 -7.51
CA SER D 57 5.28 -8.34 -6.71
C SER D 57 6.03 -9.46 -7.27
N ASN D 58 5.86 -10.62 -6.60
CA ASN D 58 6.49 -11.77 -7.05
C ASN D 58 5.64 -13.05 -6.87
N CYS D 59 4.38 -13.03 -7.36
CA CYS D 59 3.50 -14.20 -7.35
C CYS D 59 3.42 -15.00 -8.65
N LYS D 60 3.54 -16.32 -8.58
CA LYS D 60 3.41 -17.21 -9.77
C LYS D 60 1.93 -17.31 -10.09
N VAL D 61 1.52 -17.14 -11.36
CA VAL D 61 0.13 -17.37 -11.75
C VAL D 61 0.03 -18.39 -12.85
N SER D 62 -0.57 -19.53 -12.50
CA SER D 62 -0.66 -20.75 -13.35
C SER D 62 -2.12 -21.10 -13.64
N GLY D 63 -2.34 -21.70 -14.79
CA GLY D 63 -3.69 -21.99 -15.20
C GLY D 63 -3.74 -23.48 -14.92
N SER D 64 -4.88 -24.09 -14.75
CA SER D 64 -4.88 -25.61 -14.62
C SER D 64 -6.21 -26.23 -15.01
N ASN D 65 -6.18 -27.48 -15.47
CA ASN D 65 -7.41 -28.23 -15.72
C ASN D 65 -7.42 -29.49 -14.91
N THR D 66 -6.67 -29.47 -13.81
CA THR D 66 -6.57 -30.68 -13.06
C THR D 66 -6.61 -30.50 -11.56
N TYR D 67 -7.50 -31.24 -10.89
CA TYR D 67 -7.58 -31.11 -9.45
C TYR D 67 -6.28 -31.50 -8.74
N ASP D 68 -5.40 -32.19 -9.47
CA ASP D 68 -4.09 -32.50 -8.95
C ASP D 68 -3.33 -31.28 -8.49
N ASP D 69 -3.64 -30.14 -9.10
CA ASP D 69 -3.02 -28.85 -8.72
C ASP D 69 -3.43 -28.27 -7.38
N LEU D 70 -4.40 -28.92 -6.75
CA LEU D 70 -4.73 -28.64 -5.34
C LEU D 70 -3.64 -29.03 -4.33
N ALA D 71 -2.64 -29.75 -4.81
CA ALA D 71 -1.53 -30.14 -3.97
C ALA D 71 -0.93 -28.93 -3.32
N GLY D 72 -0.79 -28.99 -1.99
CA GLY D 72 -0.09 -27.94 -1.24
C GLY D 72 -0.79 -26.59 -1.12
N ALA D 73 -2.09 -26.55 -1.44
CA ALA D 73 -2.89 -25.33 -1.31
C ALA D 73 -3.09 -24.86 0.12
N ASP D 74 -2.91 -23.55 0.39
CA ASP D 74 -3.19 -22.96 1.71
C ASP D 74 -4.64 -22.45 1.83
N VAL D 75 -5.21 -22.15 0.68
CA VAL D 75 -6.51 -21.54 0.60
C VAL D 75 -7.14 -22.02 -0.70
N VAL D 76 -8.46 -22.17 -0.70
CA VAL D 76 -9.13 -22.65 -1.87
C VAL D 76 -10.41 -21.88 -1.91
N ILE D 77 -10.71 -21.34 -3.08
CA ILE D 77 -11.83 -20.46 -3.22
C ILE D 77 -12.65 -21.06 -4.30
N VAL D 78 -13.89 -21.39 -4.00
CA VAL D 78 -14.66 -22.15 -4.95
C VAL D 78 -15.75 -21.29 -5.50
N THR D 79 -15.63 -20.95 -6.79
CA THR D 79 -16.65 -20.16 -7.50
C THR D 79 -17.28 -20.99 -8.60
N ALA D 80 -16.73 -22.15 -8.91
CA ALA D 80 -17.26 -22.95 -10.06
C ALA D 80 -18.72 -23.40 -9.81
N GLY D 81 -19.44 -23.64 -10.91
CA GLY D 81 -20.78 -24.20 -10.81
C GLY D 81 -21.77 -23.56 -11.78
N PHE D 82 -22.82 -24.31 -12.13
CA PHE D 82 -23.93 -23.88 -12.97
C PHE D 82 -24.68 -22.76 -12.31
N THR D 83 -24.95 -21.72 -13.09
CA THR D 83 -25.78 -20.59 -12.66
C THR D 83 -26.92 -20.29 -13.64
N LYS D 84 -26.78 -20.81 -14.86
CA LYS D 84 -27.64 -20.46 -15.98
C LYS D 84 -28.63 -21.56 -16.42
N ALA D 85 -29.76 -21.14 -16.99
CA ALA D 85 -30.89 -21.99 -17.41
C ALA D 85 -30.59 -22.85 -18.67
N PRO D 86 -31.25 -24.05 -18.85
CA PRO D 86 -31.04 -24.84 -20.08
C PRO D 86 -31.60 -24.18 -21.36
N ASP D 90 -36.41 -22.22 -23.53
CA ASP D 90 -36.05 -21.61 -22.24
C ASP D 90 -37.20 -20.86 -21.59
N LYS D 91 -36.93 -19.62 -21.15
CA LYS D 91 -37.83 -18.82 -20.29
C LYS D 91 -38.31 -19.60 -19.05
N GLU D 92 -39.38 -19.13 -18.40
CA GLU D 92 -39.64 -19.53 -16.98
C GLU D 92 -39.38 -21.01 -16.60
N TRP D 93 -38.54 -21.17 -15.56
CA TRP D 93 -37.82 -22.40 -15.19
C TRP D 93 -37.56 -22.40 -13.69
N ASN D 94 -37.00 -23.46 -13.14
CA ASN D 94 -36.83 -23.49 -11.69
C ASN D 94 -35.35 -23.50 -11.17
N ARG D 95 -34.82 -22.33 -10.77
CA ARG D 95 -33.44 -22.20 -10.22
C ARG D 95 -33.02 -23.28 -9.21
N ASP D 96 -33.97 -23.81 -8.45
CA ASP D 96 -33.76 -25.00 -7.62
C ASP D 96 -33.20 -26.19 -8.38
N ASP D 97 -33.43 -26.28 -9.70
CA ASP D 97 -32.91 -27.40 -10.48
C ASP D 97 -31.37 -27.51 -10.45
N LEU D 98 -30.68 -26.42 -10.12
CA LEU D 98 -29.22 -26.37 -10.18
C LEU D 98 -28.61 -26.96 -8.94
N LEU D 99 -29.41 -27.00 -7.87
CA LEU D 99 -29.00 -27.53 -6.60
C LEU D 99 -28.33 -28.91 -6.66
N PRO D 100 -29.04 -29.94 -7.20
CA PRO D 100 -28.41 -31.24 -7.30
C PRO D 100 -27.18 -31.18 -8.18
N LEU D 101 -27.22 -30.38 -9.25
CA LEU D 101 -26.13 -30.46 -10.19
C LEU D 101 -24.85 -29.91 -9.56
N ASN D 102 -24.97 -28.83 -8.77
CA ASN D 102 -23.82 -28.20 -8.12
C ASN D 102 -23.36 -29.04 -6.96
N ASN D 103 -24.31 -29.66 -6.28
CA ASN D 103 -23.99 -30.77 -5.37
C ASN D 103 -22.98 -31.81 -5.91
N LYS D 104 -23.17 -32.28 -7.14
CA LYS D 104 -22.17 -33.20 -7.74
C LYS D 104 -20.76 -32.59 -7.83
N ILE D 105 -20.70 -31.34 -8.28
CA ILE D 105 -19.44 -30.58 -8.32
C ILE D 105 -18.73 -30.51 -6.93
N MET D 106 -19.49 -30.20 -5.88
CA MET D 106 -18.93 -30.13 -4.51
C MET D 106 -18.46 -31.48 -4.07
N ILE D 107 -19.30 -32.50 -4.25
CA ILE D 107 -18.85 -33.85 -4.12
C ILE D 107 -17.46 -34.01 -4.75
N GLU D 108 -17.31 -33.59 -6.01
CA GLU D 108 -16.05 -33.92 -6.69
C GLU D 108 -14.83 -33.13 -6.16
N ILE D 109 -14.98 -31.79 -6.04
CA ILE D 109 -14.03 -30.93 -5.35
C ILE D 109 -13.65 -31.48 -3.97
N GLY D 110 -14.62 -31.81 -3.13
CA GLY D 110 -14.30 -32.32 -1.81
C GLY D 110 -13.58 -33.68 -1.78
N GLY D 111 -13.97 -34.56 -2.69
CA GLY D 111 -13.16 -35.73 -3.00
C GLY D 111 -11.69 -35.37 -3.17
N HIS D 112 -11.39 -34.44 -4.06
CA HIS D 112 -9.98 -34.07 -4.28
C HIS D 112 -9.35 -33.20 -3.22
N ILE D 113 -10.18 -32.47 -2.46
CA ILE D 113 -9.67 -31.71 -1.30
C ILE D 113 -9.21 -32.59 -0.16
N LYS D 114 -9.87 -33.74 -0.01
CA LYS D 114 -9.46 -34.76 0.96
C LYS D 114 -8.06 -35.25 0.61
N LYS D 115 -7.93 -35.85 -0.58
CA LYS D 115 -6.66 -36.23 -1.19
C LYS D 115 -5.62 -35.15 -1.09
N ASN D 116 -5.85 -33.98 -1.69
CA ASN D 116 -4.78 -33.04 -1.99
C ASN D 116 -4.38 -31.97 -1.00
N CYS D 117 -5.31 -31.50 -0.19
CA CYS D 117 -5.03 -30.38 0.72
C CYS D 117 -6.05 -30.34 1.85
N PRO D 118 -6.04 -31.36 2.72
CA PRO D 118 -7.05 -31.39 3.77
C PRO D 118 -6.80 -30.36 4.85
N ASN D 119 -5.63 -29.76 4.86
CA ASN D 119 -5.42 -28.63 5.75
C ASN D 119 -5.71 -27.25 5.21
N ALA D 120 -6.28 -27.19 4.03
CA ALA D 120 -6.53 -25.86 3.45
C ALA D 120 -7.72 -25.17 4.07
N PHE D 121 -7.65 -23.83 4.16
CA PHE D 121 -8.80 -22.97 4.46
C PHE D 121 -9.64 -22.80 3.20
N ILE D 122 -10.95 -23.00 3.30
CA ILE D 122 -11.78 -23.08 2.14
C ILE D 122 -12.75 -21.96 2.19
N ILE D 123 -12.92 -21.28 1.08
CA ILE D 123 -13.96 -20.30 0.99
C ILE D 123 -14.88 -20.62 -0.14
N VAL D 124 -16.17 -20.70 0.14
CA VAL D 124 -17.08 -21.12 -0.92
C VAL D 124 -17.93 -20.00 -1.37
N VAL D 125 -18.09 -19.86 -2.69
CA VAL D 125 -18.89 -18.74 -3.22
C VAL D 125 -20.12 -19.22 -4.01
N THR D 126 -19.99 -20.33 -4.70
CA THR D 126 -21.13 -20.86 -5.47
C THR D 126 -22.51 -20.79 -4.78
N ASN D 127 -23.46 -20.07 -5.41
CA ASN D 127 -24.84 -19.89 -4.88
C ASN D 127 -25.75 -21.08 -5.10
N PRO D 128 -26.72 -21.28 -4.17
CA PRO D 128 -26.91 -20.56 -2.86
C PRO D 128 -25.82 -20.95 -1.85
N VAL D 129 -25.07 -19.97 -1.40
CA VAL D 129 -23.81 -20.26 -0.77
C VAL D 129 -23.92 -21.01 0.57
N ASP D 130 -24.91 -20.64 1.38
CA ASP D 130 -25.08 -21.23 2.67
C ASP D 130 -25.39 -22.76 2.57
N VAL D 131 -25.95 -23.20 1.45
CA VAL D 131 -26.18 -24.63 1.22
C VAL D 131 -24.90 -25.26 0.63
N MET D 132 -24.30 -24.60 -0.36
CA MET D 132 -23.13 -25.16 -1.02
C MET D 132 -21.96 -25.30 -0.07
N VAL D 133 -21.79 -24.34 0.82
CA VAL D 133 -20.67 -24.41 1.73
C VAL D 133 -20.74 -25.64 2.65
N GLN D 134 -21.94 -25.94 3.13
CA GLN D 134 -22.14 -27.02 4.04
C GLN D 134 -21.96 -28.31 3.25
N LEU D 135 -22.61 -28.42 2.10
CA LEU D 135 -22.38 -29.54 1.22
C LEU D 135 -20.88 -29.72 1.03
N LEU D 136 -20.11 -28.66 0.84
CA LEU D 136 -18.68 -28.92 0.62
C LEU D 136 -17.97 -29.34 1.92
N HIS D 137 -18.54 -28.94 3.06
CA HIS D 137 -17.91 -29.22 4.32
C HIS D 137 -18.09 -30.68 4.55
N GLN D 138 -19.26 -31.16 4.18
CA GLN D 138 -19.56 -32.57 4.35
C GLN D 138 -18.74 -33.43 3.44
N HIS D 139 -18.75 -33.15 2.13
CA HIS D 139 -17.93 -33.95 1.21
C HIS D 139 -16.46 -33.69 1.26
N SER D 140 -15.97 -32.65 1.94
CA SER D 140 -14.50 -32.48 1.96
C SER D 140 -13.85 -33.03 3.22
N GLY D 141 -14.62 -32.93 4.30
CA GLY D 141 -14.26 -33.45 5.60
C GLY D 141 -13.38 -32.50 6.36
N VAL D 142 -13.29 -31.22 5.98
CA VAL D 142 -12.41 -30.30 6.73
C VAL D 142 -13.04 -29.91 8.07
N PRO D 143 -12.21 -29.55 9.09
CA PRO D 143 -12.71 -28.95 10.33
C PRO D 143 -13.68 -27.79 10.01
N LYS D 144 -14.68 -27.61 10.86
CA LYS D 144 -15.68 -26.57 10.68
C LYS D 144 -15.10 -25.15 10.91
N ASN D 145 -13.91 -25.06 11.48
CA ASN D 145 -13.30 -23.76 11.60
C ASN D 145 -12.48 -23.47 10.35
N LYS D 146 -12.48 -24.40 9.38
CA LYS D 146 -11.67 -24.13 8.18
C LYS D 146 -12.47 -23.95 6.90
N ILE D 147 -13.77 -23.77 7.00
CA ILE D 147 -14.57 -23.61 5.78
C ILE D 147 -15.68 -22.61 6.05
N ILE D 148 -15.70 -21.52 5.25
CA ILE D 148 -16.68 -20.45 5.35
C ILE D 148 -17.26 -20.09 4.00
N GLY D 149 -18.46 -19.49 3.98
CA GLY D 149 -19.03 -19.08 2.69
C GLY D 149 -19.02 -17.54 2.55
N LEU D 150 -18.99 -17.05 1.33
CA LEU D 150 -19.08 -15.63 1.10
C LEU D 150 -20.50 -15.24 1.31
N GLY D 151 -20.72 -14.26 2.18
CA GLY D 151 -22.07 -13.73 2.41
C GLY D 151 -22.05 -12.26 2.75
N GLY D 152 -21.84 -11.99 4.04
CA GLY D 152 -22.10 -10.64 4.57
C GLY D 152 -21.12 -9.54 4.27
N VAL D 153 -19.87 -9.92 3.92
CA VAL D 153 -18.87 -8.93 3.60
C VAL D 153 -19.40 -8.24 2.33
N LEU D 154 -19.91 -9.05 1.44
CA LEU D 154 -20.41 -8.57 0.16
C LEU D 154 -21.70 -7.74 0.35
N ASP D 155 -22.73 -8.38 0.91
CA ASP D 155 -24.00 -7.69 1.23
C ASP D 155 -23.83 -6.44 2.05
N THR D 156 -23.08 -6.51 3.15
CA THR D 156 -22.90 -5.21 3.90
C THR D 156 -22.13 -4.16 3.22
N SER D 157 -21.21 -4.56 2.33
CA SER D 157 -20.48 -3.57 1.64
C SER D 157 -21.42 -2.60 0.84
N ARG D 158 -22.48 -3.17 0.28
CA ARG D 158 -23.53 -2.34 -0.36
C ARG D 158 -24.31 -1.46 0.60
N LEU D 159 -24.73 -2.09 1.68
CA LEU D 159 -25.41 -1.31 2.73
C LEU D 159 -24.51 -0.11 3.18
N LYS D 160 -23.24 -0.40 3.50
CA LYS D 160 -22.33 0.59 4.04
C LYS D 160 -22.14 1.65 2.96
N TYR D 161 -21.97 1.15 1.72
CA TYR D 161 -21.72 2.09 0.61
C TYR D 161 -22.84 3.07 0.45
N TYR D 162 -24.04 2.55 0.37
CA TYR D 162 -25.21 3.48 0.19
C TYR D 162 -25.39 4.48 1.34
N ILE D 163 -25.20 4.00 2.56
CA ILE D 163 -25.46 4.92 3.66
C ILE D 163 -24.42 6.01 3.57
N SER D 164 -23.15 5.64 3.19
CA SER D 164 -22.06 6.60 3.20
C SER D 164 -22.29 7.72 2.22
N GLN D 165 -23.01 7.42 1.16
CA GLN D 165 -23.22 8.42 0.12
C GLN D 165 -24.25 9.40 0.59
N LYS D 166 -25.32 8.90 1.24
CA LYS D 166 -26.31 9.80 1.83
C LYS D 166 -25.70 10.70 2.91
N LEU D 167 -24.86 10.12 3.77
CA LEU D 167 -24.25 10.93 4.88
C LEU D 167 -22.93 11.69 4.63
N ASN D 168 -22.35 11.44 3.45
CA ASN D 168 -21.05 12.03 3.01
C ASN D 168 -19.93 11.87 3.95
N VAL D 169 -19.72 10.62 4.27
CA VAL D 169 -18.54 10.15 5.01
C VAL D 169 -17.85 8.96 4.24
N CYS D 170 -16.64 8.59 4.70
CA CYS D 170 -15.89 7.49 4.15
C CYS D 170 -16.74 6.18 4.16
N PRO D 171 -16.80 5.48 3.04
CA PRO D 171 -17.59 4.24 2.96
C PRO D 171 -17.30 3.29 4.08
N ARG D 172 -16.04 3.03 4.31
CA ARG D 172 -15.54 2.17 5.39
C ARG D 172 -15.93 2.61 6.82
N ASP D 173 -16.11 3.91 7.09
CA ASP D 173 -16.59 4.40 8.41
C ASP D 173 -18.10 4.11 8.72
N VAL D 174 -18.77 3.29 7.90
CA VAL D 174 -20.12 2.93 8.21
C VAL D 174 -19.98 1.43 8.45
N ASN D 175 -20.61 0.88 9.49
CA ASN D 175 -20.58 -0.52 9.76
C ASN D 175 -22.00 -0.91 9.95
N ALA D 176 -22.32 -2.17 9.59
CA ALA D 176 -23.69 -2.69 9.56
C ALA D 176 -23.53 -4.19 9.56
N HIS D 177 -24.58 -4.88 9.95
CA HIS D 177 -24.64 -6.34 9.90
C HIS D 177 -25.78 -6.87 9.17
N ILE D 178 -25.52 -7.83 8.31
CA ILE D 178 -26.61 -8.58 7.68
C ILE D 178 -26.30 -10.04 7.82
N VAL D 179 -27.26 -10.82 8.25
CA VAL D 179 -26.93 -12.15 8.76
C VAL D 179 -27.95 -13.12 8.27
N GLY D 180 -27.79 -14.37 8.66
CA GLY D 180 -28.76 -15.42 8.35
C GLY D 180 -28.46 -16.17 7.07
N ALA D 181 -28.60 -15.47 5.96
CA ALA D 181 -28.42 -16.11 4.66
C ALA D 181 -27.99 -15.06 3.70
N HIS D 182 -27.21 -15.46 2.71
CA HIS D 182 -26.89 -14.59 1.60
C HIS D 182 -28.04 -14.70 0.62
N GLY D 183 -28.42 -13.62 -0.03
CA GLY D 183 -29.59 -13.76 -0.92
C GLY D 183 -30.84 -13.14 -0.30
N ASN D 184 -32.00 -13.47 -0.87
CA ASN D 184 -33.20 -12.71 -0.58
C ASN D 184 -33.68 -12.72 0.84
N LYS D 185 -33.39 -13.78 1.59
CA LYS D 185 -33.79 -13.79 3.00
C LYS D 185 -32.79 -13.08 3.92
N MET D 186 -31.80 -12.37 3.39
CA MET D 186 -30.81 -11.75 4.27
C MET D 186 -31.53 -10.91 5.36
N VAL D 187 -31.03 -10.97 6.59
CA VAL D 187 -31.61 -10.16 7.65
C VAL D 187 -30.83 -8.86 7.86
N LEU D 188 -31.40 -7.72 7.51
CA LEU D 188 -30.72 -6.43 7.68
C LEU D 188 -31.06 -5.87 9.02
N LEU D 189 -30.06 -5.66 9.86
CA LEU D 189 -30.29 -5.35 11.27
C LEU D 189 -30.16 -3.88 11.47
N LYS D 190 -31.29 -3.18 11.44
CA LYS D 190 -31.29 -1.74 11.53
C LYS D 190 -30.68 -1.25 12.86
N ARG D 191 -30.65 -2.12 13.86
CA ARG D 191 -30.21 -1.71 15.19
C ARG D 191 -28.69 -1.76 15.27
N TYR D 192 -28.02 -2.38 14.28
CA TYR D 192 -26.56 -2.55 14.38
C TYR D 192 -25.82 -1.80 13.30
N ILE D 193 -26.33 -0.62 12.94
CA ILE D 193 -25.64 0.17 11.91
C ILE D 193 -25.03 1.25 12.68
N THR D 194 -23.80 1.60 12.38
CA THR D 194 -23.19 2.78 13.04
C THR D 194 -22.43 3.59 12.05
N VAL D 195 -22.12 4.81 12.41
CA VAL D 195 -21.42 5.65 11.53
C VAL D 195 -20.30 6.29 12.28
N GLY D 196 -19.06 6.14 11.83
CA GLY D 196 -17.92 6.35 12.69
C GLY D 196 -18.13 5.96 14.15
N GLY D 197 -18.56 4.70 14.41
CA GLY D 197 -18.74 4.26 15.78
C GLY D 197 -20.03 4.71 16.54
N ILE D 198 -20.79 5.61 15.94
CA ILE D 198 -21.98 6.18 16.52
C ILE D 198 -23.24 5.54 15.96
N PRO D 199 -24.23 5.24 16.81
CA PRO D 199 -25.49 4.67 16.33
C PRO D 199 -26.09 5.49 15.23
N LEU D 200 -26.51 4.85 14.15
CA LEU D 200 -27.26 5.54 13.06
C LEU D 200 -28.45 6.37 13.59
N GLN D 201 -29.14 5.74 14.52
CA GLN D 201 -30.27 6.48 15.17
C GLN D 201 -29.95 7.98 15.47
N GLU D 202 -28.74 8.36 15.82
CA GLU D 202 -28.46 9.77 16.16
C GLU D 202 -28.59 10.69 14.96
N PHE D 203 -28.00 10.32 13.82
CA PHE D 203 -28.17 10.93 12.52
C PHE D 203 -29.64 10.85 12.09
N ILE D 204 -30.29 9.72 12.30
CA ILE D 204 -31.76 9.76 12.12
C ILE D 204 -32.42 10.86 12.97
N ASN D 205 -32.19 10.87 14.29
CA ASN D 205 -32.74 11.91 15.17
C ASN D 205 -32.34 13.28 14.66
N ASN D 206 -31.18 13.44 14.02
CA ASN D 206 -30.79 14.79 13.57
C ASN D 206 -31.31 15.16 12.18
N LYS D 207 -32.11 14.28 11.58
CA LYS D 207 -32.73 14.47 10.25
C LYS D 207 -31.73 14.57 9.08
N LEU D 208 -30.68 13.78 9.16
CA LEU D 208 -29.65 13.73 8.13
C LEU D 208 -29.88 12.51 7.25
N ILE D 209 -30.74 11.63 7.69
CA ILE D 209 -31.25 10.48 6.91
C ILE D 209 -32.58 10.03 7.58
N SER D 210 -33.62 9.79 6.80
CA SER D 210 -34.95 9.50 7.30
C SER D 210 -35.10 7.99 7.35
N ASP D 211 -36.10 7.53 8.07
CA ASP D 211 -36.44 6.09 8.16
C ASP D 211 -36.83 5.50 6.83
N ALA D 212 -37.51 6.31 6.02
CA ALA D 212 -37.97 5.92 4.70
C ALA D 212 -36.75 5.78 3.79
N GLU D 213 -35.89 6.78 3.76
CA GLU D 213 -34.59 6.69 3.06
C GLU D 213 -33.81 5.40 3.40
N LEU D 214 -33.74 5.06 4.69
CA LEU D 214 -33.11 3.82 5.10
C LEU D 214 -33.79 2.53 4.55
N GLU D 215 -35.11 2.51 4.58
CA GLU D 215 -35.85 1.38 4.06
C GLU D 215 -35.60 1.15 2.57
N ALA D 216 -35.50 2.25 1.84
CA ALA D 216 -35.29 2.24 0.41
C ALA D 216 -33.84 1.75 0.10
N ILE D 217 -32.91 2.24 0.90
CA ILE D 217 -31.53 1.71 0.92
C ILE D 217 -31.53 0.23 1.24
N PHE D 218 -32.36 -0.26 2.15
CA PHE D 218 -32.33 -1.73 2.46
C PHE D 218 -32.86 -2.52 1.30
N ASP D 219 -33.95 -2.02 0.69
CA ASP D 219 -34.55 -2.68 -0.49
C ASP D 219 -33.47 -2.84 -1.58
N ARG D 220 -32.66 -1.82 -1.69
CA ARG D 220 -31.68 -1.74 -2.75
C ARG D 220 -30.51 -2.66 -2.49
N THR D 221 -30.20 -2.86 -1.21
CA THR D 221 -29.13 -3.78 -0.80
C THR D 221 -29.62 -5.22 -1.08
N VAL D 222 -30.86 -5.52 -0.76
CA VAL D 222 -31.42 -6.86 -1.08
C VAL D 222 -31.38 -7.09 -2.59
N ASN D 223 -31.63 -6.02 -3.38
CA ASN D 223 -31.79 -6.18 -4.81
C ASN D 223 -30.62 -5.77 -5.68
N THR D 224 -29.46 -5.59 -5.07
CA THR D 224 -28.28 -5.14 -5.78
C THR D 224 -27.86 -6.04 -6.96
N ALA D 225 -27.75 -7.37 -6.72
CA ALA D 225 -27.43 -8.30 -7.81
C ALA D 225 -28.34 -8.08 -8.99
N LEU D 226 -29.62 -8.08 -8.67
CA LEU D 226 -30.68 -8.00 -9.65
C LEU D 226 -30.61 -6.63 -10.40
N GLU D 227 -30.32 -5.55 -9.69
CA GLU D 227 -30.15 -4.25 -10.35
C GLU D 227 -28.91 -4.34 -11.26
N ILE D 228 -27.81 -4.97 -10.80
CA ILE D 228 -26.63 -5.05 -11.68
C ILE D 228 -26.96 -5.86 -12.97
N VAL D 229 -27.36 -7.14 -12.85
CA VAL D 229 -27.87 -7.87 -13.99
C VAL D 229 -28.79 -7.04 -14.90
N ASN D 230 -29.72 -6.27 -14.33
CA ASN D 230 -30.63 -5.57 -15.21
C ASN D 230 -29.96 -4.43 -15.95
N LEU D 231 -28.82 -3.96 -15.47
CA LEU D 231 -28.17 -2.91 -16.20
C LEU D 231 -27.23 -3.56 -17.22
N HIS D 232 -27.42 -4.86 -17.40
CA HIS D 232 -26.65 -5.66 -18.33
C HIS D 232 -25.20 -5.78 -17.89
N ALA D 233 -24.99 -5.98 -16.60
CA ALA D 233 -23.69 -6.41 -16.16
C ALA D 233 -23.93 -7.70 -15.38
N SER D 234 -22.95 -8.23 -14.66
CA SER D 234 -23.23 -9.25 -13.63
C SER D 234 -22.14 -9.14 -12.56
N PRO D 235 -22.52 -9.05 -11.25
CA PRO D 235 -21.59 -8.51 -10.25
C PRO D 235 -20.45 -9.47 -10.01
N TYR D 236 -19.23 -9.00 -10.14
CA TYR D 236 -18.08 -9.88 -9.86
C TYR D 236 -16.90 -9.07 -9.27
N VAL D 237 -16.85 -7.77 -9.48
CA VAL D 237 -15.79 -7.02 -8.82
C VAL D 237 -15.86 -7.02 -7.30
N ALA D 238 -16.98 -6.49 -6.75
CA ALA D 238 -17.15 -6.46 -5.32
C ALA D 238 -17.07 -7.87 -4.75
N PRO D 239 -17.76 -8.86 -5.37
CA PRO D 239 -17.56 -10.20 -4.80
C PRO D 239 -16.12 -10.63 -4.68
N ALA D 240 -15.33 -10.48 -5.74
CA ALA D 240 -13.93 -10.86 -5.69
C ALA D 240 -13.24 -10.14 -4.58
N ALA D 241 -13.43 -8.81 -4.49
CA ALA D 241 -12.74 -8.07 -3.46
C ALA D 241 -13.17 -8.46 -2.03
N ALA D 242 -14.40 -8.98 -1.91
CA ALA D 242 -14.90 -9.29 -0.60
C ALA D 242 -14.24 -10.61 -0.27
N ILE D 243 -13.94 -11.41 -1.28
CA ILE D 243 -13.44 -12.73 -0.96
C ILE D 243 -11.97 -12.47 -0.61
N ILE D 244 -11.41 -11.47 -1.25
CA ILE D 244 -10.01 -11.22 -0.98
C ILE D 244 -9.79 -10.67 0.43
N GLU D 245 -10.81 -10.08 1.01
CA GLU D 245 -10.70 -9.55 2.35
C GLU D 245 -10.65 -10.66 3.37
N MET D 246 -11.51 -11.63 3.18
CA MET D 246 -11.59 -12.87 3.99
C MET D 246 -10.26 -13.58 3.90
N ALA D 247 -9.85 -13.97 2.69
CA ALA D 247 -8.53 -14.53 2.42
C ALA D 247 -7.34 -13.92 3.10
N GLU D 248 -7.21 -12.61 2.93
CA GLU D 248 -6.14 -11.85 3.52
C GLU D 248 -6.11 -11.90 5.04
N SER D 249 -7.28 -11.79 5.68
CA SER D 249 -7.34 -11.80 7.09
C SER D 249 -6.87 -13.13 7.66
N TYR D 250 -7.25 -14.24 6.98
CA TYR D 250 -6.73 -15.53 7.28
C TYR D 250 -5.21 -15.56 7.05
N LEU D 251 -4.75 -15.26 5.83
CA LEU D 251 -3.33 -15.39 5.52
C LEU D 251 -2.46 -14.42 6.33
N LYS D 252 -2.89 -13.19 6.56
CA LYS D 252 -2.02 -12.34 7.36
C LYS D 252 -2.38 -12.33 8.85
N ASP D 253 -3.22 -13.27 9.26
CA ASP D 253 -3.66 -13.35 10.68
C ASP D 253 -4.08 -11.96 11.27
N LEU D 254 -4.94 -11.24 10.55
CA LEU D 254 -5.38 -9.91 10.98
C LEU D 254 -6.47 -9.93 12.10
N LYS D 255 -7.23 -11.01 12.19
CA LYS D 255 -8.32 -11.17 13.17
C LYS D 255 -9.43 -10.16 13.00
N LYS D 256 -9.68 -9.82 11.75
CA LYS D 256 -10.79 -8.99 11.40
C LYS D 256 -12.10 -9.66 11.78
N VAL D 257 -13.01 -8.84 12.25
CA VAL D 257 -14.41 -9.26 12.45
C VAL D 257 -15.17 -9.08 11.14
N LEU D 258 -15.67 -10.18 10.63
CA LEU D 258 -16.25 -10.25 9.28
C LEU D 258 -17.45 -11.17 9.23
N ILE D 259 -18.52 -10.74 8.58
CA ILE D 259 -19.68 -11.63 8.54
C ILE D 259 -19.58 -12.70 7.44
N CYS D 260 -19.63 -13.99 7.84
CA CYS D 260 -19.41 -15.07 6.96
C CYS D 260 -20.41 -16.18 7.15
N SER D 261 -20.69 -16.92 6.10
CA SER D 261 -21.52 -18.08 6.28
C SER D 261 -20.70 -19.09 7.08
N THR D 262 -21.20 -19.47 8.26
CA THR D 262 -20.43 -20.47 9.09
C THR D 262 -21.24 -21.64 9.72
N LEU D 263 -20.59 -22.65 10.28
CA LEU D 263 -21.41 -23.74 10.84
C LEU D 263 -22.02 -23.25 12.15
N LEU D 264 -23.33 -23.38 12.31
CA LEU D 264 -23.98 -23.04 13.57
C LEU D 264 -24.08 -24.29 14.45
N GLU D 265 -23.67 -24.13 15.71
CA GLU D 265 -23.82 -25.14 16.72
C GLU D 265 -24.70 -24.62 17.87
N GLY D 266 -25.93 -24.19 17.59
CA GLY D 266 -26.80 -23.76 18.69
C GLY D 266 -26.99 -22.25 18.75
N GLN D 267 -26.09 -21.48 18.15
CA GLN D 267 -26.34 -20.04 18.07
C GLN D 267 -27.63 -19.71 17.32
N TYR D 268 -28.32 -18.66 17.76
CA TYR D 268 -29.64 -18.29 17.25
C TYR D 268 -30.61 -19.47 17.32
N GLY D 269 -30.27 -20.50 18.08
CA GLY D 269 -31.15 -21.66 18.24
C GLY D 269 -31.05 -22.65 17.11
N HIS D 270 -29.98 -22.60 16.34
CA HIS D 270 -29.90 -23.49 15.19
C HIS D 270 -28.63 -24.30 15.23
N SER D 271 -28.72 -25.54 14.76
CA SER D 271 -27.59 -26.47 14.67
C SER D 271 -27.53 -27.23 13.33
N ASP D 272 -26.33 -27.66 12.94
CA ASP D 272 -26.17 -28.48 11.73
C ASP D 272 -26.64 -27.81 10.46
N ILE D 273 -26.53 -26.50 10.43
CA ILE D 273 -26.78 -25.73 9.26
C ILE D 273 -25.73 -24.62 9.25
N PHE D 274 -25.44 -24.09 8.07
CA PHE D 274 -24.59 -22.94 7.99
C PHE D 274 -25.44 -21.71 7.86
N GLY D 275 -24.96 -20.61 8.41
CA GLY D 275 -25.63 -19.35 8.20
C GLY D 275 -24.74 -18.20 8.56
N GLY D 276 -25.14 -17.05 8.04
CA GLY D 276 -24.39 -15.80 8.16
C GLY D 276 -24.34 -15.20 9.55
N THR D 277 -23.11 -14.94 10.01
CA THR D 277 -22.85 -14.33 11.32
C THR D 277 -21.43 -13.80 11.35
N PRO D 278 -21.21 -12.67 12.03
CA PRO D 278 -19.91 -12.14 12.31
C PRO D 278 -18.97 -13.20 12.91
N VAL D 279 -17.80 -13.36 12.28
CA VAL D 279 -16.76 -14.16 12.84
C VAL D 279 -15.48 -13.38 12.94
N VAL D 280 -14.55 -13.91 13.72
CA VAL D 280 -13.16 -13.45 13.70
C VAL D 280 -12.35 -14.40 12.87
N LEU D 281 -11.79 -13.88 11.80
CA LEU D 281 -10.85 -14.62 10.93
C LEU D 281 -9.36 -14.37 11.18
N GLY D 282 -8.62 -15.39 11.62
CA GLY D 282 -7.15 -15.23 11.62
C GLY D 282 -6.44 -16.49 11.20
N ALA D 283 -5.17 -16.66 11.60
CA ALA D 283 -4.40 -17.81 11.14
C ALA D 283 -5.01 -19.14 11.55
N ASN D 284 -5.89 -19.17 12.56
CA ASN D 284 -6.51 -20.46 12.90
C ASN D 284 -7.80 -20.70 12.15
N GLY D 285 -8.10 -19.86 11.17
CA GLY D 285 -9.39 -20.00 10.48
C GLY D 285 -10.42 -19.13 11.19
N VAL D 286 -11.64 -19.65 11.29
CA VAL D 286 -12.70 -19.07 12.10
C VAL D 286 -12.30 -19.20 13.58
N GLU D 287 -11.93 -18.06 14.19
CA GLU D 287 -11.37 -18.07 15.52
C GLU D 287 -12.38 -17.75 16.60
N GLN D 288 -13.47 -17.11 16.23
CA GLN D 288 -14.60 -16.89 17.16
C GLN D 288 -15.80 -16.78 16.28
N VAL D 289 -16.94 -17.26 16.78
CA VAL D 289 -18.20 -17.16 16.09
C VAL D 289 -18.93 -16.26 17.01
N ILE D 290 -19.18 -15.00 16.59
CA ILE D 290 -19.78 -14.01 17.45
C ILE D 290 -21.30 -14.04 17.21
N GLU D 291 -22.05 -14.32 18.27
CA GLU D 291 -23.53 -14.46 18.19
C GLU D 291 -24.18 -13.16 18.57
N LEU D 292 -24.77 -12.47 17.61
CA LEU D 292 -25.49 -11.24 17.91
C LEU D 292 -26.67 -11.49 18.93
N GLN D 293 -26.86 -10.57 19.89
CA GLN D 293 -27.86 -10.76 20.95
C GLN D 293 -29.18 -10.14 20.46
N LEU D 294 -29.82 -10.89 19.57
CA LEU D 294 -30.97 -10.45 18.78
C LEU D 294 -32.24 -10.49 19.64
N ASN D 295 -33.17 -9.58 19.38
CA ASN D 295 -34.49 -9.58 20.04
C ASN D 295 -35.33 -10.57 19.23
N SER D 296 -36.51 -10.95 19.71
CA SER D 296 -37.18 -12.04 19.00
C SER D 296 -37.78 -11.58 17.69
N GLU D 297 -37.92 -10.28 17.48
CA GLU D 297 -38.38 -9.83 16.18
C GLU D 297 -37.29 -10.14 15.13
N GLU D 298 -36.04 -9.83 15.47
CA GLU D 298 -34.94 -10.04 14.53
C GLU D 298 -34.71 -11.54 14.41
N LYS D 299 -34.75 -12.24 15.54
CA LYS D 299 -34.67 -13.70 15.53
C LYS D 299 -35.67 -14.36 14.58
N ALA D 300 -36.90 -13.83 14.50
CA ALA D 300 -37.88 -14.42 13.58
C ALA D 300 -37.42 -14.32 12.12
N LYS D 301 -36.82 -13.21 11.77
CA LYS D 301 -36.16 -13.04 10.46
C LYS D 301 -35.08 -14.07 10.25
N PHE D 302 -34.27 -14.31 11.29
CA PHE D 302 -33.21 -15.29 11.19
C PHE D 302 -33.76 -16.69 10.90
N ASP D 303 -34.86 -17.08 11.55
CA ASP D 303 -35.40 -18.42 11.32
C ASP D 303 -35.95 -18.52 9.91
N GLU D 304 -36.36 -17.38 9.35
CA GLU D 304 -36.92 -17.39 8.02
C GLU D 304 -35.78 -17.70 7.05
N ALA D 305 -34.69 -16.98 7.18
CA ALA D 305 -33.52 -17.23 6.37
C ALA D 305 -33.04 -18.70 6.49
N ILE D 306 -32.98 -19.22 7.71
CA ILE D 306 -32.52 -20.60 7.94
C ILE D 306 -33.48 -21.64 7.31
N ALA D 307 -34.79 -21.49 7.54
CA ALA D 307 -35.81 -22.32 6.88
C ALA D 307 -35.58 -22.38 5.38
N GLU D 308 -35.42 -21.23 4.75
CA GLU D 308 -35.12 -21.28 3.31
C GLU D 308 -33.87 -22.13 2.98
N THR D 309 -32.80 -21.91 3.72
CA THR D 309 -31.58 -22.68 3.55
C THR D 309 -31.81 -24.20 3.70
N LYS D 310 -32.61 -24.57 4.66
CA LYS D 310 -32.94 -25.97 4.87
C LYS D 310 -33.73 -26.50 3.69
N ARG D 311 -34.75 -25.76 3.28
CA ARG D 311 -35.56 -26.18 2.17
C ARG D 311 -34.67 -26.42 0.97
N MET D 312 -33.76 -25.52 0.68
CA MET D 312 -32.93 -25.73 -0.52
C MET D 312 -31.99 -26.87 -0.28
N LYS D 313 -31.46 -26.98 0.93
CA LYS D 313 -30.58 -28.13 1.23
C LYS D 313 -31.25 -29.49 1.00
N ALA D 314 -32.53 -29.61 1.34
CA ALA D 314 -33.33 -30.82 1.05
C ALA D 314 -33.38 -31.18 -0.44
N LEU D 315 -33.28 -30.19 -1.32
CA LEU D 315 -33.34 -30.48 -2.74
C LEU D 315 -32.00 -30.74 -3.40
N ALA D 316 -30.94 -30.77 -2.61
CA ALA D 316 -29.62 -30.94 -3.18
C ALA D 316 -29.04 -32.19 -2.59
#